data_7AAB
#
_entry.id   7AAB
#
_cell.length_a   134.899
_cell.length_b   134.899
_cell.length_c   111.388
_cell.angle_alpha   90.000
_cell.angle_beta   90.000
_cell.angle_gamma   120.000
#
_symmetry.space_group_name_H-M   'P 61'
#
loop_
_entity.id
_entity.type
_entity.pdbx_description
1 polymer 'Poly [ADP-ribose] polymerase 1'
2 non-polymer 2-[4-[(2S,3S,4R,5R)-5-(6-aminopurin-9-yl)-3,4-bis(oxidanyl)oxolan-2-yl]carbonylpiperazin-1-yl]-N-(1-oxidanylidene-2,3-dihydroisoindol-4-yl)ethanamide
3 non-polymer 'SULFATE ION'
4 water water
#
_entity_poly.entity_id   1
_entity_poly.type   'polypeptide(L)'
_entity_poly.pdbx_seq_one_letter_code
;GSKSKLPKPVQDLIKMIFDVESMKKAMVEYEIDLQKMPLGKLSKRQIQAAYSILSEVQQAVSQGSSDSQILDLSNRFYTL
IPHDFGMKKPPLLNNADSVQAKAEMLDNLLDIEVAYSLLRGGSDDSSKDPIDVNYEKLKTDIKVVDRDSEEAEIIRKYVK
NTHATTHNAYDLEVIDIFKIEREGECQRYKPFKQLHNRRLLWHGSRTTNFAGILSQGLRIAPPEAPVTGYMFGKGIYFAD
MVSKSANYCHTSQGDPIGLILLGEVALGNMYELKHASHISKLPKGKHSVKGLGKTTPDPSANISLDGVDVPLGTGISSGV
NDTSLLYNEYIVYDIAQVNLKYLLKLKFNFKT
;
_entity_poly.pdbx_strand_id   A,B
#
loop_
_chem_comp.id
_chem_comp.type
_chem_comp.name
_chem_comp.formula
SO4 non-polymer 'SULFATE ION' 'O4 S -2'
UHB non-polymer 2-[4-[(2S,3S,4R,5R)-5-(6-aminopurin-9-yl)-3,4-bis(oxidanyl)oxolan-2-yl]carbonylpiperazin-1-yl]-N-(1-oxidanylidene-2,3-dihydroisoindol-4-yl)ethanamide 'C24 H27 N9 O6'
#
# COMPACT_ATOMS: atom_id res chain seq x y z
N LYS A 3 -7.08 -15.62 -24.41
CA LYS A 3 -5.72 -15.07 -24.57
C LYS A 3 -5.47 -13.92 -23.58
N SER A 4 -4.17 -13.69 -23.25
CA SER A 4 -3.65 -12.68 -22.31
C SER A 4 -4.35 -11.32 -22.35
N LYS A 5 -4.67 -10.77 -21.17
CA LYS A 5 -5.34 -9.48 -20.99
C LYS A 5 -4.35 -8.35 -20.63
N LEU A 6 -3.05 -8.71 -20.47
CA LEU A 6 -1.97 -7.77 -20.14
C LEU A 6 -1.54 -7.03 -21.42
N PRO A 7 -0.99 -5.79 -21.34
CA PRO A 7 -0.52 -5.12 -22.56
C PRO A 7 0.78 -5.75 -23.08
N LYS A 8 1.10 -5.53 -24.37
CA LYS A 8 2.32 -6.07 -24.99
C LYS A 8 3.62 -5.72 -24.23
N PRO A 9 3.87 -4.46 -23.73
CA PRO A 9 5.12 -4.21 -22.99
C PRO A 9 5.25 -5.05 -21.72
N VAL A 10 4.12 -5.31 -21.03
CA VAL A 10 4.06 -6.11 -19.79
C VAL A 10 4.30 -7.60 -20.13
N GLN A 11 3.72 -8.08 -21.23
CA GLN A 11 3.90 -9.46 -21.70
C GLN A 11 5.36 -9.72 -22.07
N ASP A 12 6.00 -8.75 -22.76
CA ASP A 12 7.40 -8.81 -23.18
C ASP A 12 8.33 -8.72 -21.97
N LEU A 13 7.88 -8.01 -20.91
CA LEU A 13 8.60 -7.86 -19.65
C LEU A 13 8.65 -9.21 -18.93
N ILE A 14 7.53 -9.97 -18.93
CA ILE A 14 7.43 -11.30 -18.30
C ILE A 14 8.40 -12.25 -19.04
N LYS A 15 8.42 -12.14 -20.39
CA LYS A 15 9.29 -12.90 -21.29
C LYS A 15 10.78 -12.67 -20.98
N MET A 16 11.14 -11.43 -20.56
CA MET A 16 12.51 -11.05 -20.19
C MET A 16 12.89 -11.67 -18.84
N ILE A 17 12.04 -11.45 -17.82
CA ILE A 17 12.17 -11.91 -16.44
C ILE A 17 12.28 -13.44 -16.37
N PHE A 18 11.51 -14.15 -17.21
CA PHE A 18 11.55 -15.61 -17.23
C PHE A 18 12.21 -16.19 -18.51
N ASP A 19 13.33 -15.57 -18.96
CA ASP A 19 14.05 -16.07 -20.13
C ASP A 19 15.05 -17.14 -19.71
N VAL A 20 14.71 -18.40 -20.00
CA VAL A 20 15.51 -19.60 -19.70
C VAL A 20 16.90 -19.52 -20.33
N GLU A 21 16.98 -19.01 -21.58
CA GLU A 21 18.25 -18.87 -22.31
C GLU A 21 19.19 -17.86 -21.64
N SER A 22 18.64 -16.79 -21.05
CA SER A 22 19.42 -15.77 -20.34
C SER A 22 19.92 -16.29 -18.99
N MET A 23 19.20 -17.27 -18.41
CA MET A 23 19.57 -17.94 -17.15
C MET A 23 20.75 -18.85 -17.43
N LYS A 24 20.68 -19.60 -18.55
CA LYS A 24 21.71 -20.51 -19.04
C LYS A 24 22.98 -19.74 -19.41
N LYS A 25 22.81 -18.63 -20.18
CA LYS A 25 23.90 -17.74 -20.63
C LYS A 25 24.74 -17.24 -19.45
N ALA A 26 24.07 -16.84 -18.34
CA ALA A 26 24.66 -16.35 -17.10
C ALA A 26 25.51 -17.42 -16.39
N MET A 27 25.04 -18.68 -16.42
CA MET A 27 25.72 -19.83 -15.80
C MET A 27 27.02 -20.19 -16.51
N VAL A 28 26.99 -20.18 -17.86
CA VAL A 28 28.13 -20.46 -18.74
C VAL A 28 29.21 -19.40 -18.53
N GLU A 29 28.78 -18.13 -18.27
CA GLU A 29 29.66 -17.00 -17.98
C GLU A 29 30.39 -17.25 -16.66
N TYR A 30 29.66 -17.83 -15.66
CA TYR A 30 30.22 -18.17 -14.35
C TYR A 30 30.98 -19.51 -14.35
N GLU A 31 31.16 -20.10 -15.55
CA GLU A 31 31.88 -21.34 -15.86
C GLU A 31 31.30 -22.59 -15.16
N ILE A 32 29.95 -22.68 -15.11
CA ILE A 32 29.26 -23.85 -14.56
C ILE A 32 29.00 -24.82 -15.70
N ASP A 33 29.36 -26.10 -15.50
CA ASP A 33 29.17 -27.17 -16.48
C ASP A 33 27.68 -27.51 -16.56
N LEU A 34 27.02 -27.13 -17.68
CA LEU A 34 25.58 -27.36 -17.90
C LEU A 34 25.22 -28.84 -18.12
N GLN A 35 26.18 -29.64 -18.64
CA GLN A 35 25.97 -31.07 -18.86
C GLN A 35 25.86 -31.79 -17.50
N LYS A 36 26.72 -31.40 -16.52
CA LYS A 36 26.75 -31.94 -15.17
C LYS A 36 25.73 -31.25 -14.24
N MET A 37 25.49 -29.96 -14.46
CA MET A 37 24.58 -29.13 -13.68
C MET A 37 23.55 -28.41 -14.58
N PRO A 38 22.45 -29.10 -15.00
CA PRO A 38 21.44 -28.41 -15.82
C PRO A 38 20.60 -27.46 -14.98
N LEU A 39 19.79 -26.65 -15.66
CA LEU A 39 18.89 -25.67 -15.04
C LEU A 39 17.86 -26.34 -14.13
N GLY A 40 17.35 -27.50 -14.55
CA GLY A 40 16.37 -28.27 -13.82
C GLY A 40 16.88 -28.94 -12.55
N LYS A 41 18.12 -29.45 -12.57
CA LYS A 41 18.69 -30.17 -11.44
C LYS A 41 19.18 -29.29 -10.27
N LEU A 42 19.37 -27.97 -10.47
CA LEU A 42 19.81 -27.12 -9.35
C LEU A 42 18.67 -26.82 -8.38
N SER A 43 18.95 -26.90 -7.07
CA SER A 43 17.99 -26.66 -5.99
C SER A 43 18.54 -25.68 -4.97
N LYS A 44 17.64 -25.05 -4.18
CA LYS A 44 18.00 -24.12 -3.11
C LYS A 44 18.74 -24.86 -2.00
N ARG A 45 18.44 -26.17 -1.82
CA ARG A 45 19.07 -27.04 -0.83
C ARG A 45 20.58 -27.16 -1.05
N GLN A 46 21.02 -27.38 -2.31
CA GLN A 46 22.44 -27.54 -2.64
C GLN A 46 23.20 -26.21 -2.73
N ILE A 47 22.52 -25.10 -3.14
CA ILE A 47 23.15 -23.78 -3.22
C ILE A 47 23.45 -23.29 -1.79
N GLN A 48 22.49 -23.49 -0.86
CA GLN A 48 22.62 -23.12 0.55
C GLN A 48 23.67 -24.00 1.25
N ALA A 49 23.85 -25.25 0.76
CA ALA A 49 24.84 -26.19 1.25
C ALA A 49 26.24 -25.80 0.77
N ALA A 50 26.33 -25.17 -0.42
CA ALA A 50 27.59 -24.71 -1.00
C ALA A 50 28.04 -23.44 -0.28
N TYR A 51 27.08 -22.64 0.20
CA TYR A 51 27.28 -21.41 0.96
C TYR A 51 27.87 -21.73 2.34
N SER A 52 27.42 -22.86 2.95
CA SER A 52 27.88 -23.32 4.27
C SER A 52 29.33 -23.79 4.19
N ILE A 53 29.71 -24.36 3.03
CA ILE A 53 31.06 -24.83 2.74
C ILE A 53 31.99 -23.61 2.60
N LEU A 54 31.47 -22.49 2.00
CA LEU A 54 32.24 -21.25 1.88
C LEU A 54 32.59 -20.64 3.25
N SER A 55 31.67 -20.76 4.24
CA SER A 55 31.90 -20.29 5.61
C SER A 55 32.87 -21.23 6.34
N GLU A 56 32.93 -22.51 5.92
CA GLU A 56 33.89 -23.49 6.47
C GLU A 56 35.28 -23.17 5.91
N VAL A 57 35.34 -22.68 4.65
CA VAL A 57 36.60 -22.27 3.97
C VAL A 57 37.12 -21.01 4.67
N GLN A 58 36.19 -20.10 5.03
CA GLN A 58 36.44 -18.83 5.71
C GLN A 58 37.14 -19.03 7.05
N GLN A 59 36.61 -19.96 7.88
CA GLN A 59 37.20 -20.24 9.18
C GLN A 59 38.49 -21.04 9.06
N ALA A 60 38.62 -21.92 8.04
CA ALA A 60 39.82 -22.72 7.80
C ALA A 60 41.06 -21.84 7.56
N VAL A 61 40.89 -20.75 6.80
CA VAL A 61 41.93 -19.75 6.48
C VAL A 61 42.33 -19.02 7.78
N SER A 62 41.31 -18.55 8.55
CA SER A 62 41.45 -17.84 9.83
C SER A 62 42.15 -18.71 10.87
N GLN A 63 41.82 -20.01 10.91
CA GLN A 63 42.38 -21.01 11.83
C GLN A 63 43.68 -21.61 11.29
N GLY A 64 44.12 -21.16 10.12
CA GLY A 64 45.34 -21.62 9.44
C GLY A 64 45.42 -23.12 9.28
N SER A 65 44.33 -23.73 8.78
CA SER A 65 44.18 -25.17 8.57
C SER A 65 45.16 -25.72 7.53
N SER A 66 45.43 -27.04 7.61
CA SER A 66 46.35 -27.76 6.71
C SER A 66 45.90 -27.73 5.24
N ASP A 67 46.83 -28.08 4.33
CA ASP A 67 46.61 -28.13 2.88
C ASP A 67 45.51 -29.15 2.54
N SER A 68 45.43 -30.26 3.32
CA SER A 68 44.44 -31.34 3.19
C SER A 68 43.02 -30.85 3.44
N GLN A 69 42.83 -30.01 4.49
CA GLN A 69 41.55 -29.42 4.87
C GLN A 69 41.05 -28.51 3.74
N ILE A 70 41.97 -27.68 3.19
CA ILE A 70 41.71 -26.74 2.09
C ILE A 70 41.34 -27.50 0.82
N LEU A 71 42.09 -28.57 0.49
CA LEU A 71 41.85 -29.42 -0.68
C LEU A 71 40.50 -30.12 -0.60
N ASP A 72 40.13 -30.60 0.60
CA ASP A 72 38.84 -31.28 0.83
C ASP A 72 37.67 -30.36 0.51
N LEU A 73 37.68 -29.14 1.08
CA LEU A 73 36.62 -28.13 0.91
C LEU A 73 36.45 -27.69 -0.54
N SER A 74 37.56 -27.54 -1.29
CA SER A 74 37.57 -27.16 -2.71
C SER A 74 36.82 -28.23 -3.51
N ASN A 75 37.07 -29.52 -3.20
CA ASN A 75 36.41 -30.66 -3.81
C ASN A 75 34.92 -30.70 -3.43
N ARG A 76 34.60 -30.52 -2.11
CA ARG A 76 33.24 -30.49 -1.55
C ARG A 76 32.38 -29.49 -2.30
N PHE A 77 32.96 -28.30 -2.58
CA PHE A 77 32.32 -27.20 -3.31
C PHE A 77 32.08 -27.56 -4.77
N TYR A 78 33.15 -27.95 -5.50
CA TYR A 78 33.08 -28.30 -6.92
C TYR A 78 32.28 -29.58 -7.21
N THR A 79 31.90 -30.34 -6.15
CA THR A 79 31.04 -31.52 -6.26
C THR A 79 29.60 -31.02 -6.32
N LEU A 80 29.23 -30.09 -5.42
CA LEU A 80 27.91 -29.48 -5.35
C LEU A 80 27.66 -28.57 -6.55
N ILE A 81 28.64 -27.71 -6.89
CA ILE A 81 28.55 -26.79 -8.03
C ILE A 81 29.61 -27.19 -9.07
N PRO A 82 29.28 -28.12 -10.02
CA PRO A 82 30.27 -28.51 -11.04
C PRO A 82 30.68 -27.34 -11.93
N HIS A 83 31.97 -27.27 -12.25
CA HIS A 83 32.52 -26.21 -13.09
C HIS A 83 33.26 -26.77 -14.30
N ASP A 84 33.13 -26.07 -15.45
CA ASP A 84 33.81 -26.44 -16.69
C ASP A 84 34.91 -25.42 -16.97
N PHE A 85 36.16 -25.85 -16.77
CA PHE A 85 37.38 -25.07 -17.02
C PHE A 85 38.15 -25.67 -18.19
N GLY A 86 37.68 -26.82 -18.68
CA GLY A 86 38.29 -27.56 -19.78
C GLY A 86 39.59 -28.19 -19.32
N MET A 87 40.69 -27.78 -19.95
CA MET A 87 42.03 -28.27 -19.65
C MET A 87 42.60 -27.61 -18.37
N LYS A 88 42.08 -26.41 -18.00
CA LYS A 88 42.50 -25.63 -16.84
C LYS A 88 42.20 -26.31 -15.51
N LYS A 89 43.17 -26.23 -14.57
CA LYS A 89 43.07 -26.76 -13.21
C LYS A 89 42.13 -25.86 -12.39
N PRO A 90 41.20 -26.43 -11.57
CA PRO A 90 40.27 -25.58 -10.82
C PRO A 90 40.95 -24.71 -9.77
N PRO A 91 40.62 -23.39 -9.70
CA PRO A 91 41.25 -22.53 -8.68
C PRO A 91 40.87 -22.98 -7.28
N LEU A 92 41.89 -23.24 -6.43
CA LEU A 92 41.69 -23.69 -5.06
C LEU A 92 41.04 -22.61 -4.20
N LEU A 93 40.15 -23.02 -3.29
CA LEU A 93 39.48 -22.09 -2.39
C LEU A 93 40.36 -21.90 -1.17
N ASN A 94 41.26 -20.91 -1.24
CA ASN A 94 42.20 -20.62 -0.16
C ASN A 94 42.31 -19.13 0.14
N ASN A 95 42.33 -18.30 -0.92
CA ASN A 95 42.45 -16.86 -0.80
C ASN A 95 41.07 -16.23 -0.56
N ALA A 96 41.00 -15.10 0.19
CA ALA A 96 39.78 -14.37 0.52
C ALA A 96 39.01 -13.88 -0.71
N ASP A 97 39.72 -13.58 -1.82
CA ASP A 97 39.11 -13.13 -3.08
C ASP A 97 38.41 -14.28 -3.79
N SER A 98 38.91 -15.54 -3.62
CA SER A 98 38.32 -16.75 -4.19
C SER A 98 36.95 -17.00 -3.55
N VAL A 99 36.88 -16.82 -2.20
CA VAL A 99 35.66 -16.96 -1.38
C VAL A 99 34.68 -15.85 -1.79
N GLN A 100 35.21 -14.63 -2.03
CA GLN A 100 34.46 -13.45 -2.46
C GLN A 100 33.83 -13.68 -3.83
N ALA A 101 34.62 -14.19 -4.80
CA ALA A 101 34.19 -14.48 -6.16
C ALA A 101 33.06 -15.53 -6.17
N LYS A 102 33.27 -16.66 -5.46
CA LYS A 102 32.30 -17.75 -5.37
C LYS A 102 31.04 -17.37 -4.59
N ALA A 103 31.15 -16.48 -3.60
CA ALA A 103 29.99 -16.00 -2.82
C ALA A 103 29.09 -15.12 -3.70
N GLU A 104 29.72 -14.32 -4.60
CA GLU A 104 29.04 -13.43 -5.56
C GLU A 104 28.38 -14.24 -6.67
N MET A 105 28.97 -15.41 -7.01
CA MET A 105 28.45 -16.33 -8.01
C MET A 105 27.23 -17.07 -7.44
N LEU A 106 27.33 -17.56 -6.18
CA LEU A 106 26.27 -18.28 -5.46
C LEU A 106 25.06 -17.39 -5.24
N ASP A 107 25.29 -16.07 -5.03
CA ASP A 107 24.27 -15.03 -4.85
C ASP A 107 23.42 -14.94 -6.11
N ASN A 108 24.08 -14.82 -7.30
CA ASN A 108 23.43 -14.75 -8.60
C ASN A 108 22.81 -16.07 -9.04
N LEU A 109 23.39 -17.20 -8.62
CA LEU A 109 22.89 -18.53 -8.94
C LEU A 109 21.64 -18.91 -8.15
N LEU A 110 21.50 -18.36 -6.93
CA LEU A 110 20.33 -18.59 -6.08
C LEU A 110 19.13 -17.84 -6.68
N ASP A 111 19.40 -16.68 -7.32
CA ASP A 111 18.43 -15.82 -7.99
C ASP A 111 17.86 -16.50 -9.25
N ILE A 112 18.71 -17.24 -9.98
CA ILE A 112 18.35 -18.01 -11.18
C ILE A 112 17.44 -19.18 -10.77
N GLU A 113 17.76 -19.85 -9.64
CA GLU A 113 16.99 -20.95 -9.07
C GLU A 113 15.57 -20.49 -8.74
N VAL A 114 15.43 -19.34 -8.03
CA VAL A 114 14.15 -18.75 -7.63
C VAL A 114 13.28 -18.45 -8.87
N ALA A 115 13.91 -17.96 -9.95
CA ALA A 115 13.26 -17.65 -11.24
C ALA A 115 12.77 -18.93 -11.91
N TYR A 116 13.59 -20.00 -11.91
CA TYR A 116 13.24 -21.27 -12.53
C TYR A 116 12.20 -22.05 -11.73
N SER A 117 12.28 -22.01 -10.38
CA SER A 117 11.35 -22.67 -9.46
C SER A 117 9.95 -22.10 -9.61
N LEU A 118 9.86 -20.79 -9.87
CA LEU A 118 8.62 -20.06 -10.08
C LEU A 118 8.05 -20.40 -11.46
N LEU A 119 8.86 -20.26 -12.53
CA LEU A 119 8.50 -20.54 -13.92
C LEU A 119 7.97 -21.98 -14.14
N ARG A 120 8.59 -22.97 -13.47
CA ARG A 120 8.19 -24.37 -13.60
C ARG A 120 7.09 -24.78 -12.62
N GLY A 121 7.24 -24.37 -11.35
CA GLY A 121 6.29 -24.68 -10.28
C GLY A 121 4.93 -24.03 -10.42
N GLY A 122 4.06 -24.31 -9.44
CA GLY A 122 2.70 -23.80 -9.39
C GLY A 122 1.64 -24.76 -9.88
N SER A 123 0.36 -24.42 -9.64
CA SER A 123 -0.80 -25.21 -10.05
C SER A 123 -1.03 -25.11 -11.56
N ASP A 124 -1.05 -26.28 -12.24
CA ASP A 124 -1.23 -26.35 -13.69
C ASP A 124 -2.70 -26.35 -14.11
N ASP A 125 -3.16 -25.20 -14.66
CA ASP A 125 -4.54 -25.01 -15.12
C ASP A 125 -4.60 -24.75 -16.63
N SER A 126 -5.45 -25.52 -17.34
CA SER A 126 -5.66 -25.42 -18.79
C SER A 126 -6.25 -24.08 -19.25
N SER A 127 -7.26 -23.55 -18.51
CA SER A 127 -7.99 -22.31 -18.82
C SER A 127 -7.14 -21.04 -18.93
N LYS A 128 -6.24 -20.80 -17.96
CA LYS A 128 -5.44 -19.57 -17.92
C LYS A 128 -4.21 -19.59 -18.85
N ASP A 129 -3.87 -18.41 -19.41
CA ASP A 129 -2.74 -18.15 -20.32
C ASP A 129 -1.40 -18.25 -19.57
N PRO A 130 -0.34 -18.89 -20.16
CA PRO A 130 0.95 -18.99 -19.45
C PRO A 130 1.55 -17.68 -18.96
N ILE A 131 1.47 -16.59 -19.77
CA ILE A 131 2.00 -15.26 -19.42
C ILE A 131 1.21 -14.69 -18.24
N ASP A 132 -0.13 -14.88 -18.26
CA ASP A 132 -1.05 -14.43 -17.20
C ASP A 132 -0.78 -15.15 -15.88
N VAL A 133 -0.40 -16.45 -15.94
CA VAL A 133 -0.07 -17.28 -14.77
C VAL A 133 1.28 -16.84 -14.17
N ASN A 134 2.29 -16.61 -15.04
CA ASN A 134 3.64 -16.16 -14.63
C ASN A 134 3.60 -14.75 -14.02
N TYR A 135 2.71 -13.87 -14.53
CA TYR A 135 2.52 -12.51 -14.03
C TYR A 135 2.02 -12.56 -12.57
N GLU A 136 1.09 -13.50 -12.29
CA GLU A 136 0.50 -13.72 -10.95
C GLU A 136 1.59 -14.12 -9.93
N LYS A 137 2.52 -15.01 -10.34
CA LYS A 137 3.62 -15.56 -9.54
C LYS A 137 4.51 -14.49 -8.90
N LEU A 138 4.63 -13.31 -9.55
CA LEU A 138 5.45 -12.19 -9.08
C LEU A 138 4.84 -11.38 -7.94
N LYS A 139 3.52 -11.55 -7.68
CA LYS A 139 2.76 -10.86 -6.63
C LYS A 139 2.94 -9.31 -6.70
N THR A 140 3.24 -8.81 -7.90
CA THR A 140 3.48 -7.40 -8.19
C THR A 140 2.47 -6.90 -9.21
N ASP A 141 1.99 -5.66 -9.02
CA ASP A 141 1.08 -5.02 -9.96
C ASP A 141 1.95 -4.20 -10.91
N ILE A 142 1.95 -4.58 -12.19
CA ILE A 142 2.74 -3.89 -13.21
C ILE A 142 1.80 -3.14 -14.17
N LYS A 143 1.99 -1.82 -14.27
CA LYS A 143 1.21 -0.95 -15.13
C LYS A 143 2.10 -0.12 -16.03
N VAL A 144 1.67 0.09 -17.28
CA VAL A 144 2.43 0.87 -18.27
C VAL A 144 2.20 2.38 -18.04
N VAL A 145 3.29 3.13 -17.83
CA VAL A 145 3.25 4.57 -17.64
C VAL A 145 3.17 5.21 -19.04
N ASP A 146 2.12 6.03 -19.26
CA ASP A 146 1.85 6.76 -20.50
C ASP A 146 3.10 7.55 -20.96
N ARG A 147 3.50 7.34 -22.23
CA ARG A 147 4.68 7.96 -22.86
C ARG A 147 4.73 9.47 -22.77
N ASP A 148 3.57 10.15 -22.85
CA ASP A 148 3.54 11.62 -22.82
C ASP A 148 2.91 12.18 -21.55
N SER A 149 3.01 11.42 -20.43
CA SER A 149 2.51 11.83 -19.10
C SER A 149 3.59 12.61 -18.39
N GLU A 150 3.22 13.38 -17.35
CA GLU A 150 4.19 14.19 -16.58
C GLU A 150 5.17 13.33 -15.81
N GLU A 151 4.71 12.20 -15.21
CA GLU A 151 5.61 11.30 -14.48
C GLU A 151 6.61 10.61 -15.43
N ALA A 152 6.23 10.40 -16.71
CA ALA A 152 7.11 9.83 -17.72
C ALA A 152 8.22 10.84 -18.06
N GLU A 153 7.85 12.11 -18.26
CA GLU A 153 8.80 13.18 -18.57
C GLU A 153 9.79 13.44 -17.43
N ILE A 154 9.33 13.36 -16.16
CA ILE A 154 10.17 13.52 -14.96
C ILE A 154 11.25 12.42 -15.00
N ILE A 155 10.82 11.16 -15.24
CA ILE A 155 11.66 9.98 -15.32
C ILE A 155 12.66 10.10 -16.48
N ARG A 156 12.22 10.56 -17.67
CA ARG A 156 13.07 10.75 -18.84
C ARG A 156 14.10 11.85 -18.62
N LYS A 157 13.72 12.94 -17.92
CA LYS A 157 14.61 14.05 -17.58
C LYS A 157 15.66 13.56 -16.57
N TYR A 158 15.23 12.74 -15.58
CA TYR A 158 16.09 12.14 -14.57
C TYR A 158 17.15 11.25 -15.26
N VAL A 159 16.76 10.50 -16.32
CA VAL A 159 17.67 9.65 -17.10
C VAL A 159 18.64 10.52 -17.93
N LYS A 160 18.09 11.50 -18.69
CA LYS A 160 18.86 12.39 -19.55
C LYS A 160 19.93 13.21 -18.80
N ASN A 161 19.52 13.91 -17.72
CA ASN A 161 20.37 14.79 -16.93
C ASN A 161 21.43 14.11 -16.08
N THR A 162 21.10 12.96 -15.45
CA THR A 162 22.03 12.28 -14.55
C THR A 162 22.90 11.19 -15.24
N HIS A 163 23.02 11.24 -16.57
CA HIS A 163 23.88 10.31 -17.31
C HIS A 163 25.26 10.98 -17.46
N ALA A 164 26.22 10.56 -16.59
CA ALA A 164 27.59 11.08 -16.47
C ALA A 164 28.44 11.03 -17.75
N THR A 165 29.49 11.89 -17.80
CA THR A 165 30.43 12.02 -18.91
C THR A 165 31.54 10.95 -18.86
N THR A 166 31.89 10.46 -17.63
CA THR A 166 32.92 9.42 -17.46
C THR A 166 32.41 8.05 -17.97
N HIS A 167 31.08 7.86 -17.97
CA HIS A 167 30.41 6.66 -18.48
C HIS A 167 30.00 6.91 -19.94
N ASN A 168 31.00 7.23 -20.80
CA ASN A 168 30.83 7.52 -22.23
C ASN A 168 30.98 6.26 -23.10
N ALA A 169 30.84 5.07 -22.49
CA ALA A 169 30.93 3.78 -23.17
C ALA A 169 29.65 3.48 -23.95
N TYR A 170 28.48 3.88 -23.39
CA TYR A 170 27.15 3.66 -23.94
C TYR A 170 26.27 4.93 -23.95
N ASP A 171 25.05 4.78 -24.49
CA ASP A 171 24.02 5.82 -24.55
C ASP A 171 22.70 5.19 -24.12
N LEU A 172 22.08 5.77 -23.08
CA LEU A 172 20.82 5.25 -22.57
C LEU A 172 19.61 5.79 -23.31
N GLU A 173 18.66 4.88 -23.60
CA GLU A 173 17.41 5.16 -24.30
C GLU A 173 16.30 4.41 -23.56
N VAL A 174 15.21 5.12 -23.20
CA VAL A 174 14.08 4.52 -22.49
C VAL A 174 13.07 3.95 -23.50
N ILE A 175 12.75 2.65 -23.34
CA ILE A 175 11.80 1.93 -24.18
C ILE A 175 10.41 1.99 -23.52
N ASP A 176 10.31 1.52 -22.25
CA ASP A 176 9.08 1.49 -21.48
C ASP A 176 9.32 1.81 -20.01
N ILE A 177 8.31 2.42 -19.36
CA ILE A 177 8.31 2.78 -17.94
C ILE A 177 7.15 2.02 -17.32
N PHE A 178 7.41 1.28 -16.23
CA PHE A 178 6.39 0.49 -15.56
C PHE A 178 6.23 0.91 -14.11
N LYS A 179 5.00 1.25 -13.70
CA LYS A 179 4.69 1.63 -12.32
C LYS A 179 4.39 0.33 -11.56
N ILE A 180 5.41 -0.16 -10.85
CA ILE A 180 5.35 -1.42 -10.10
C ILE A 180 4.87 -1.23 -8.66
N GLU A 181 4.08 -2.20 -8.17
CA GLU A 181 3.51 -2.22 -6.83
C GLU A 181 3.62 -3.63 -6.23
N ARG A 182 4.68 -3.87 -5.43
CA ARG A 182 4.94 -5.13 -4.75
C ARG A 182 3.94 -5.33 -3.63
N GLU A 183 3.36 -6.54 -3.52
CA GLU A 183 2.37 -6.87 -2.48
C GLU A 183 2.94 -6.72 -1.08
N GLY A 184 2.27 -5.89 -0.28
CA GLY A 184 2.63 -5.60 1.11
C GLY A 184 3.80 -4.67 1.35
N GLU A 185 4.54 -4.27 0.29
CA GLU A 185 5.69 -3.38 0.40
C GLU A 185 5.32 -2.02 0.98
N CYS A 186 4.14 -1.51 0.62
CA CYS A 186 3.62 -0.22 1.09
C CYS A 186 3.30 -0.23 2.59
N GLN A 187 2.59 -1.26 3.08
CA GLN A 187 2.22 -1.42 4.49
C GLN A 187 3.46 -1.60 5.37
N ARG A 188 4.52 -2.23 4.79
CA ARG A 188 5.81 -2.49 5.41
C ARG A 188 6.63 -1.19 5.51
N TYR A 189 6.56 -0.35 4.46
CA TYR A 189 7.27 0.93 4.36
C TYR A 189 6.66 2.01 5.27
N LYS A 190 5.33 1.96 5.50
CA LYS A 190 4.50 2.88 6.30
C LYS A 190 5.22 3.55 7.53
N PRO A 191 5.95 2.84 8.45
CA PRO A 191 6.59 3.56 9.58
C PRO A 191 7.71 4.54 9.18
N PHE A 192 8.12 4.51 7.90
CA PHE A 192 9.17 5.36 7.34
C PHE A 192 8.61 6.32 6.29
N LYS A 193 7.35 6.08 5.87
CA LYS A 193 6.61 6.79 4.82
C LYS A 193 6.51 8.32 4.96
N GLN A 194 6.74 8.89 6.16
CA GLN A 194 6.73 10.34 6.37
C GLN A 194 8.04 10.85 6.97
N LEU A 195 8.93 9.92 7.44
CA LEU A 195 10.27 10.22 7.98
C LEU A 195 11.05 10.96 6.88
N HIS A 196 11.49 12.21 7.21
CA HIS A 196 12.20 13.15 6.35
C HIS A 196 13.33 12.55 5.49
N ASN A 197 13.67 13.26 4.40
CA ASN A 197 14.70 12.92 3.41
C ASN A 197 14.37 11.62 2.64
N ARG A 198 13.17 11.56 2.04
CA ARG A 198 12.75 10.44 1.21
C ARG A 198 13.18 10.82 -0.22
N ARG A 199 13.96 9.95 -0.88
CA ARG A 199 14.47 10.23 -2.22
C ARG A 199 14.18 9.16 -3.23
N LEU A 200 13.95 9.57 -4.49
CA LEU A 200 13.71 8.68 -5.62
C LEU A 200 15.08 8.37 -6.21
N LEU A 201 15.58 7.14 -5.92
CA LEU A 201 16.91 6.70 -6.31
C LEU A 201 16.93 5.48 -7.22
N TRP A 202 18.03 5.35 -7.97
CA TRP A 202 18.27 4.29 -8.93
C TRP A 202 18.84 2.99 -8.35
N HIS A 203 18.50 1.86 -8.97
CA HIS A 203 19.04 0.54 -8.65
C HIS A 203 19.08 -0.37 -9.88
N GLY A 204 20.29 -0.58 -10.38
CA GLY A 204 20.57 -1.45 -11.52
C GLY A 204 20.97 -2.85 -11.09
N SER A 205 20.48 -3.85 -11.82
CA SER A 205 20.76 -5.26 -11.53
C SER A 205 20.61 -6.11 -12.79
N ARG A 206 21.18 -7.33 -12.75
CA ARG A 206 21.09 -8.33 -13.81
C ARG A 206 19.62 -8.73 -14.02
N THR A 207 19.22 -8.92 -15.30
CA THR A 207 17.87 -9.32 -15.71
C THR A 207 17.38 -10.56 -14.92
N THR A 208 18.30 -11.52 -14.69
CA THR A 208 18.06 -12.79 -13.98
C THR A 208 17.62 -12.58 -12.51
N ASN A 209 18.10 -11.51 -11.87
CA ASN A 209 17.78 -11.17 -10.49
C ASN A 209 16.36 -10.63 -10.32
N PHE A 210 15.83 -9.96 -11.37
CA PHE A 210 14.54 -9.27 -11.37
C PHE A 210 13.34 -10.13 -11.00
N ALA A 211 13.35 -11.45 -11.29
CA ALA A 211 12.26 -12.35 -10.89
C ALA A 211 12.16 -12.41 -9.36
N GLY A 212 13.32 -12.47 -8.69
CA GLY A 212 13.44 -12.50 -7.24
C GLY A 212 13.23 -11.14 -6.58
N ILE A 213 13.65 -10.05 -7.27
CA ILE A 213 13.51 -8.67 -6.78
C ILE A 213 12.02 -8.32 -6.71
N LEU A 214 11.24 -8.70 -7.73
CA LEU A 214 9.82 -8.42 -7.74
C LEU A 214 9.04 -9.32 -6.78
N SER A 215 9.41 -10.60 -6.69
CA SER A 215 8.71 -11.54 -5.81
C SER A 215 9.10 -11.44 -4.33
N GLN A 216 10.30 -10.92 -4.01
CA GLN A 216 10.77 -10.82 -2.62
C GLN A 216 11.16 -9.41 -2.14
N GLY A 217 11.51 -8.53 -3.07
CA GLY A 217 11.95 -7.17 -2.77
C GLY A 217 13.46 -7.14 -2.53
N LEU A 218 14.12 -6.00 -2.78
CA LEU A 218 15.58 -5.86 -2.58
C LEU A 218 15.98 -6.34 -1.20
N ARG A 219 16.79 -7.41 -1.15
CA ARG A 219 17.22 -8.06 0.09
C ARG A 219 18.60 -7.63 0.55
N ILE A 220 18.83 -7.66 1.88
CA ILE A 220 20.12 -7.39 2.51
C ILE A 220 20.86 -8.72 2.62
N ALA A 221 22.14 -8.74 2.20
CA ALA A 221 23.04 -9.90 2.20
C ALA A 221 23.03 -10.71 3.51
N PRO A 222 23.16 -12.08 3.44
CA PRO A 222 23.16 -12.88 4.68
C PRO A 222 24.36 -12.60 5.59
N PRO A 223 24.17 -12.49 6.94
CA PRO A 223 25.32 -12.19 7.84
C PRO A 223 26.44 -13.24 7.82
N GLU A 224 26.22 -14.37 7.12
CA GLU A 224 27.17 -15.47 6.95
C GLU A 224 28.24 -15.11 5.91
N ALA A 225 27.82 -14.47 4.78
CA ALA A 225 28.63 -14.02 3.64
C ALA A 225 29.83 -13.13 4.03
N PRO A 226 30.94 -13.09 3.23
CA PRO A 226 32.08 -12.23 3.61
C PRO A 226 31.78 -10.74 3.42
N VAL A 227 32.16 -9.93 4.42
CA VAL A 227 31.92 -8.49 4.46
C VAL A 227 32.89 -7.68 3.55
N THR A 228 33.98 -8.30 3.09
CA THR A 228 35.05 -7.72 2.27
C THR A 228 34.58 -7.06 0.96
N GLY A 229 33.62 -7.68 0.27
CA GLY A 229 33.09 -7.18 -0.99
C GLY A 229 32.18 -5.98 -0.90
N TYR A 230 31.69 -5.67 0.32
CA TYR A 230 30.75 -4.58 0.59
C TYR A 230 31.44 -3.29 1.02
N MET A 231 31.58 -2.34 0.08
CA MET A 231 32.23 -1.03 0.27
C MET A 231 31.69 -0.28 1.48
N PHE A 232 30.37 -0.35 1.71
CA PHE A 232 29.69 0.28 2.84
C PHE A 232 28.84 -0.71 3.65
N GLY A 233 29.34 -1.95 3.78
CA GLY A 233 28.68 -3.01 4.54
C GLY A 233 27.45 -3.63 3.88
N LYS A 234 26.85 -4.60 4.57
CA LYS A 234 25.67 -5.33 4.13
C LYS A 234 24.39 -4.48 4.29
N GLY A 235 24.00 -3.85 3.19
CA GLY A 235 22.84 -2.98 3.07
C GLY A 235 22.41 -2.85 1.62
N ILE A 236 21.33 -2.08 1.35
CA ILE A 236 20.80 -1.88 -0.01
C ILE A 236 21.35 -0.58 -0.60
N TYR A 237 22.14 -0.71 -1.69
CA TYR A 237 22.81 0.41 -2.36
C TYR A 237 21.98 1.04 -3.49
N PHE A 238 22.07 2.37 -3.62
CA PHE A 238 21.37 3.17 -4.63
C PHE A 238 22.26 4.30 -5.12
N ALA A 239 21.85 4.96 -6.23
CA ALA A 239 22.58 6.09 -6.80
C ALA A 239 21.64 7.20 -7.25
N ASP A 240 22.15 8.45 -7.31
CA ASP A 240 21.38 9.59 -7.79
C ASP A 240 21.73 9.91 -9.25
N MET A 241 22.62 9.09 -9.85
CA MET A 241 23.08 9.17 -11.23
C MET A 241 22.69 7.85 -11.89
N VAL A 242 21.90 7.91 -12.99
CA VAL A 242 21.43 6.74 -13.74
C VAL A 242 22.60 5.91 -14.29
N SER A 243 23.66 6.59 -14.79
CA SER A 243 24.87 5.98 -15.35
C SER A 243 25.60 5.07 -14.38
N LYS A 244 25.67 5.44 -13.08
CA LYS A 244 26.31 4.62 -12.04
C LYS A 244 25.55 3.31 -11.85
N SER A 245 24.21 3.39 -11.75
CA SER A 245 23.33 2.22 -11.57
C SER A 245 23.26 1.34 -12.81
N ALA A 246 23.26 1.97 -14.02
CA ALA A 246 23.20 1.28 -15.32
C ALA A 246 24.38 0.33 -15.58
N ASN A 247 25.53 0.56 -14.90
CA ASN A 247 26.72 -0.29 -15.00
C ASN A 247 26.48 -1.66 -14.35
N TYR A 248 25.50 -1.72 -13.43
CA TYR A 248 25.15 -2.93 -12.69
C TYR A 248 24.11 -3.80 -13.42
N CYS A 249 23.53 -3.28 -14.53
CA CYS A 249 22.54 -3.99 -15.35
C CYS A 249 23.12 -5.19 -16.08
N HIS A 250 24.46 -5.20 -16.29
CA HIS A 250 25.24 -6.25 -16.95
C HIS A 250 24.73 -6.48 -18.39
N THR A 251 25.06 -5.51 -19.26
CA THR A 251 24.64 -5.53 -20.66
C THR A 251 25.84 -5.49 -21.61
N SER A 252 25.61 -5.88 -22.87
CA SER A 252 26.64 -5.93 -23.92
C SER A 252 26.04 -5.59 -25.28
N GLN A 253 26.87 -5.63 -26.35
CA GLN A 253 26.44 -5.37 -27.74
C GLN A 253 25.42 -6.43 -28.17
N GLY A 254 25.61 -7.66 -27.68
CA GLY A 254 24.74 -8.81 -27.92
C GLY A 254 23.38 -8.67 -27.27
N ASP A 255 23.36 -8.34 -25.95
CA ASP A 255 22.14 -8.12 -25.15
C ASP A 255 22.08 -6.64 -24.70
N PRO A 256 21.62 -5.71 -25.56
CA PRO A 256 21.61 -4.29 -25.16
C PRO A 256 20.42 -3.85 -24.31
N ILE A 257 19.49 -4.78 -24.00
CA ILE A 257 18.32 -4.45 -23.19
C ILE A 257 18.55 -4.83 -21.73
N GLY A 258 18.38 -3.84 -20.85
CA GLY A 258 18.55 -3.98 -19.41
C GLY A 258 17.41 -3.39 -18.61
N LEU A 259 17.27 -3.85 -17.36
CA LEU A 259 16.23 -3.37 -16.44
C LEU A 259 16.82 -2.64 -15.25
N ILE A 260 16.25 -1.46 -14.93
CA ILE A 260 16.66 -0.60 -13.83
C ILE A 260 15.44 -0.20 -12.98
N LEU A 261 15.66 0.05 -11.68
CA LEU A 261 14.61 0.41 -10.74
C LEU A 261 14.72 1.84 -10.26
N LEU A 262 13.57 2.39 -9.83
CA LEU A 262 13.42 3.68 -9.19
C LEU A 262 12.64 3.40 -7.92
N GLY A 263 13.27 3.64 -6.78
CA GLY A 263 12.66 3.38 -5.50
C GLY A 263 12.64 4.57 -4.57
N GLU A 264 11.57 4.67 -3.79
CA GLU A 264 11.37 5.68 -2.75
C GLU A 264 12.19 5.15 -1.57
N VAL A 265 13.29 5.87 -1.27
CA VAL A 265 14.21 5.47 -0.20
C VAL A 265 14.14 6.47 0.95
N ALA A 266 13.64 6.01 2.11
CA ALA A 266 13.55 6.85 3.32
C ALA A 266 14.95 6.87 3.94
N LEU A 267 15.73 7.91 3.59
CA LEU A 267 17.11 8.07 4.03
C LEU A 267 17.25 8.55 5.47
N GLY A 268 16.41 9.49 5.87
CA GLY A 268 16.45 10.07 7.20
C GLY A 268 17.69 10.90 7.42
N ASN A 269 18.30 10.74 8.61
CA ASN A 269 19.53 11.43 8.98
C ASN A 269 20.68 10.58 8.45
N MET A 270 21.26 10.99 7.30
CA MET A 270 22.34 10.24 6.64
C MET A 270 23.69 10.46 7.29
N TYR A 271 24.52 9.41 7.29
CA TYR A 271 25.90 9.42 7.78
C TYR A 271 26.78 9.63 6.56
N GLU A 272 27.31 10.85 6.42
CA GLU A 272 28.14 11.22 5.26
C GLU A 272 29.56 10.69 5.37
N LEU A 273 29.92 9.76 4.47
CA LEU A 273 31.24 9.13 4.44
C LEU A 273 32.01 9.40 3.15
N LYS A 274 33.31 9.72 3.28
CA LYS A 274 34.21 10.00 2.17
C LYS A 274 34.87 8.71 1.67
N HIS A 275 35.29 7.85 2.61
CA HIS A 275 35.95 6.57 2.27
C HIS A 275 35.18 5.36 2.81
N ALA A 276 35.47 4.18 2.22
CA ALA A 276 34.84 2.90 2.52
C ALA A 276 34.96 2.46 3.98
N SER A 277 33.87 1.84 4.49
CA SER A 277 33.76 1.25 5.82
C SER A 277 32.89 0.01 5.65
N HIS A 278 33.48 -1.18 5.86
CA HIS A 278 32.80 -2.45 5.65
C HIS A 278 31.82 -2.82 6.76
N ILE A 279 31.68 -1.97 7.79
CA ILE A 279 30.74 -2.15 8.90
C ILE A 279 29.32 -1.79 8.43
N SER A 280 28.32 -2.50 8.97
CA SER A 280 26.89 -2.31 8.70
C SER A 280 26.17 -1.70 9.92
N LYS A 281 26.95 -1.14 10.86
CA LYS A 281 26.44 -0.53 12.10
C LYS A 281 26.63 0.99 12.09
N LEU A 282 25.49 1.71 12.21
CA LEU A 282 25.42 3.16 12.18
C LEU A 282 25.49 3.83 13.56
N PRO A 283 26.05 5.08 13.66
CA PRO A 283 26.03 5.79 14.94
C PRO A 283 24.61 6.19 15.36
N LYS A 284 24.42 6.57 16.64
CA LYS A 284 23.12 6.95 17.20
C LYS A 284 22.50 8.13 16.46
N GLY A 285 21.29 7.94 15.98
CA GLY A 285 20.53 8.96 15.27
C GLY A 285 20.68 8.93 13.76
N LYS A 286 21.57 8.07 13.23
CA LYS A 286 21.80 7.93 11.79
C LYS A 286 20.94 6.80 11.21
N HIS A 287 20.29 7.04 10.06
CA HIS A 287 19.40 6.06 9.42
C HIS A 287 19.93 5.48 8.10
N SER A 288 20.86 6.18 7.47
CA SER A 288 21.45 5.73 6.20
C SER A 288 22.89 6.20 6.06
N VAL A 289 23.53 5.88 4.91
CA VAL A 289 24.88 6.28 4.59
C VAL A 289 24.88 6.99 3.23
N LYS A 290 25.59 8.12 3.13
CA LYS A 290 25.75 8.85 1.90
C LYS A 290 27.21 8.89 1.56
N GLY A 291 27.60 8.08 0.59
CA GLY A 291 28.97 8.03 0.11
C GLY A 291 29.18 9.27 -0.74
N LEU A 292 29.97 10.22 -0.23
CA LEU A 292 30.19 11.51 -0.90
C LEU A 292 31.03 11.38 -2.16
N GLY A 293 30.41 11.68 -3.30
CA GLY A 293 31.04 11.64 -4.61
C GLY A 293 31.48 13.02 -5.07
N LYS A 294 32.48 13.06 -5.99
CA LYS A 294 33.05 14.27 -6.58
C LYS A 294 32.03 15.06 -7.44
N THR A 295 31.02 14.37 -8.00
CA THR A 295 29.97 14.94 -8.84
C THR A 295 28.57 14.59 -8.29
N THR A 296 27.73 15.63 -8.13
CA THR A 296 26.36 15.54 -7.63
C THR A 296 25.36 16.24 -8.57
N PRO A 297 24.09 15.75 -8.72
CA PRO A 297 23.12 16.49 -9.55
C PRO A 297 22.83 17.83 -8.88
N ASP A 298 22.77 18.92 -9.66
CA ASP A 298 22.52 20.29 -9.19
C ASP A 298 21.33 20.33 -8.20
N PRO A 299 21.57 20.65 -6.90
CA PRO A 299 20.47 20.67 -5.92
C PRO A 299 19.41 21.74 -6.17
N SER A 300 19.75 22.77 -6.96
CA SER A 300 18.82 23.84 -7.32
C SER A 300 17.71 23.37 -8.28
N ALA A 301 17.89 22.19 -8.90
CA ALA A 301 16.95 21.58 -9.83
C ALA A 301 16.14 20.42 -9.22
N ASN A 302 16.27 20.21 -7.90
CA ASN A 302 15.56 19.18 -7.13
C ASN A 302 14.07 19.48 -7.06
N ILE A 303 13.23 18.50 -7.47
CA ILE A 303 11.77 18.63 -7.44
C ILE A 303 11.16 17.66 -6.42
N SER A 304 9.83 17.70 -6.22
CA SER A 304 9.15 16.85 -5.24
C SER A 304 7.94 16.07 -5.81
N LEU A 305 8.22 14.97 -6.54
CA LEU A 305 7.18 14.11 -7.11
C LEU A 305 6.54 13.27 -5.98
N ASP A 306 5.29 13.63 -5.61
CA ASP A 306 4.47 13.00 -4.55
C ASP A 306 5.16 13.01 -3.17
N GLY A 307 5.70 14.18 -2.79
CA GLY A 307 6.40 14.38 -1.52
C GLY A 307 7.76 13.73 -1.41
N VAL A 308 8.26 13.16 -2.53
CA VAL A 308 9.56 12.46 -2.62
C VAL A 308 10.49 13.28 -3.50
N ASP A 309 11.71 13.56 -3.01
CA ASP A 309 12.72 14.34 -3.72
C ASP A 309 13.26 13.63 -4.94
N VAL A 310 13.20 14.31 -6.10
CA VAL A 310 13.71 13.79 -7.36
C VAL A 310 14.95 14.61 -7.76
N PRO A 311 16.17 14.08 -7.49
CA PRO A 311 17.38 14.85 -7.83
C PRO A 311 17.74 14.74 -9.31
N LEU A 312 16.94 15.40 -10.18
CA LEU A 312 17.11 15.36 -11.64
C LEU A 312 17.97 16.50 -12.22
N GLY A 313 18.82 17.10 -11.38
CA GLY A 313 19.71 18.17 -11.80
C GLY A 313 20.87 17.66 -12.63
N THR A 314 21.53 18.56 -13.37
CA THR A 314 22.69 18.20 -14.18
C THR A 314 23.89 18.01 -13.26
N GLY A 315 24.73 17.03 -13.57
CA GLY A 315 25.92 16.70 -12.81
C GLY A 315 26.88 17.86 -12.66
N ILE A 316 27.08 18.32 -11.41
CA ILE A 316 27.99 19.42 -11.05
C ILE A 316 28.92 19.00 -9.92
N SER A 317 30.07 19.68 -9.76
CA SER A 317 31.04 19.34 -8.72
C SER A 317 30.47 19.63 -7.32
N SER A 318 30.54 18.62 -6.45
CA SER A 318 30.04 18.66 -5.07
C SER A 318 30.87 19.55 -4.16
N GLY A 319 32.16 19.68 -4.47
CA GLY A 319 33.11 20.44 -3.68
C GLY A 319 33.73 19.62 -2.58
N VAL A 320 33.57 18.27 -2.65
CA VAL A 320 34.10 17.32 -1.67
C VAL A 320 35.57 17.01 -2.00
N ASN A 321 36.47 17.37 -1.06
CA ASN A 321 37.92 17.17 -1.20
C ASN A 321 38.38 15.82 -0.64
N ASP A 322 39.28 15.14 -1.39
CA ASP A 322 39.89 13.85 -1.08
C ASP A 322 38.85 12.77 -0.70
N THR A 323 38.21 12.22 -1.73
CA THR A 323 37.20 11.16 -1.62
C THR A 323 37.50 10.07 -2.64
N SER A 324 37.16 8.82 -2.30
CA SER A 324 37.39 7.68 -3.20
C SER A 324 36.34 7.62 -4.32
N LEU A 325 35.08 8.00 -4.00
CA LEU A 325 33.94 7.97 -4.93
C LEU A 325 33.84 9.14 -5.90
N LEU A 326 33.51 8.83 -7.15
CA LEU A 326 33.29 9.81 -8.22
C LEU A 326 31.86 10.32 -8.16
N TYR A 327 30.91 9.43 -7.80
CA TYR A 327 29.48 9.72 -7.71
C TYR A 327 28.93 9.23 -6.38
N ASN A 328 27.85 9.87 -5.91
CA ASN A 328 27.21 9.53 -4.65
C ASN A 328 26.50 8.18 -4.68
N GLU A 329 26.57 7.47 -3.55
CA GLU A 329 25.86 6.21 -3.36
C GLU A 329 25.22 6.19 -1.99
N TYR A 330 23.94 5.81 -1.95
CA TYR A 330 23.10 5.80 -0.76
C TYR A 330 22.83 4.38 -0.30
N ILE A 331 23.05 4.09 1.00
CA ILE A 331 22.91 2.75 1.57
C ILE A 331 21.98 2.75 2.77
N VAL A 332 20.97 1.86 2.75
CA VAL A 332 20.02 1.64 3.85
C VAL A 332 20.24 0.23 4.40
N TYR A 333 20.18 0.07 5.73
CA TYR A 333 20.46 -1.23 6.35
C TYR A 333 19.21 -1.91 6.90
N ASP A 334 18.03 -1.51 6.37
CA ASP A 334 16.72 -2.07 6.69
C ASP A 334 15.90 -2.13 5.41
N ILE A 335 15.38 -3.32 5.08
CA ILE A 335 14.56 -3.58 3.89
C ILE A 335 13.29 -2.72 3.85
N ALA A 336 12.76 -2.38 5.05
CA ALA A 336 11.55 -1.57 5.23
C ALA A 336 11.73 -0.09 4.84
N GLN A 337 12.99 0.38 4.63
CA GLN A 337 13.31 1.75 4.22
C GLN A 337 13.19 1.95 2.70
N VAL A 338 12.84 0.89 1.96
CA VAL A 338 12.72 0.90 0.50
C VAL A 338 11.27 0.62 0.09
N ASN A 339 10.82 1.34 -0.96
CA ASN A 339 9.53 1.18 -1.60
C ASN A 339 9.75 1.34 -3.10
N LEU A 340 9.76 0.21 -3.83
CA LEU A 340 9.96 0.19 -5.29
C LEU A 340 8.76 0.78 -6.00
N LYS A 341 8.98 1.90 -6.70
CA LYS A 341 7.94 2.64 -7.40
C LYS A 341 7.88 2.40 -8.90
N TYR A 342 9.04 2.34 -9.58
CA TYR A 342 9.10 2.15 -11.03
C TYR A 342 10.09 1.10 -11.48
N LEU A 343 9.98 0.70 -12.76
CA LEU A 343 10.85 -0.25 -13.46
C LEU A 343 11.00 0.21 -14.92
N LEU A 344 12.25 0.44 -15.36
CA LEU A 344 12.57 0.92 -16.70
C LEU A 344 13.25 -0.14 -17.57
N LYS A 345 12.88 -0.16 -18.85
CA LYS A 345 13.46 -1.03 -19.88
C LYS A 345 14.35 -0.12 -20.72
N LEU A 346 15.68 -0.29 -20.61
CA LEU A 346 16.63 0.58 -21.30
C LEU A 346 17.41 -0.09 -22.41
N LYS A 347 17.65 0.66 -23.51
CA LYS A 347 18.46 0.20 -24.63
C LYS A 347 19.80 0.92 -24.53
N PHE A 348 20.89 0.16 -24.43
CA PHE A 348 22.24 0.69 -24.32
C PHE A 348 22.83 0.75 -25.72
N ASN A 349 23.10 1.97 -26.20
CA ASN A 349 23.68 2.20 -27.53
C ASN A 349 25.19 2.34 -27.36
N PHE A 350 25.89 1.18 -27.36
CA PHE A 350 27.34 1.09 -27.18
C PHE A 350 28.11 1.79 -28.28
N LYS A 351 28.78 2.89 -27.91
CA LYS A 351 29.55 3.75 -28.81
C LYS A 351 30.82 3.07 -29.29
N THR A 352 30.91 2.84 -30.62
CA THR A 352 32.03 2.19 -31.31
C THR A 352 32.34 2.89 -32.64
N LYS B 3 -17.10 -22.25 -10.33
CA LYS B 3 -17.70 -21.67 -9.13
C LYS B 3 -16.69 -20.82 -8.34
N SER B 4 -17.21 -19.87 -7.53
CA SER B 4 -16.50 -18.91 -6.67
C SER B 4 -15.28 -19.47 -5.93
N LYS B 5 -14.15 -18.74 -6.01
CA LYS B 5 -12.89 -19.10 -5.37
C LYS B 5 -12.69 -18.38 -4.02
N LEU B 6 -13.63 -17.48 -3.67
CA LEU B 6 -13.63 -16.72 -2.42
C LEU B 6 -14.13 -17.61 -1.27
N PRO B 7 -13.72 -17.37 0.01
CA PRO B 7 -14.26 -18.18 1.11
C PRO B 7 -15.71 -17.82 1.41
N LYS B 8 -16.46 -18.71 2.09
CA LYS B 8 -17.87 -18.49 2.46
C LYS B 8 -18.10 -17.16 3.24
N PRO B 9 -17.28 -16.76 4.25
CA PRO B 9 -17.55 -15.47 4.92
C PRO B 9 -17.47 -14.26 3.98
N VAL B 10 -16.54 -14.28 3.01
CA VAL B 10 -16.35 -13.21 2.02
C VAL B 10 -17.54 -13.20 1.05
N GLN B 11 -17.99 -14.39 0.60
CA GLN B 11 -19.15 -14.53 -0.29
C GLN B 11 -20.42 -14.00 0.36
N ASP B 12 -20.64 -14.36 1.65
CA ASP B 12 -21.78 -13.93 2.46
C ASP B 12 -21.70 -12.44 2.78
N LEU B 13 -20.48 -11.87 2.75
CA LEU B 13 -20.21 -10.45 2.96
C LEU B 13 -20.65 -9.66 1.72
N ILE B 14 -20.26 -10.13 0.50
CA ILE B 14 -20.65 -9.51 -0.77
C ILE B 14 -22.18 -9.48 -0.85
N LYS B 15 -22.84 -10.59 -0.44
CA LYS B 15 -24.29 -10.74 -0.37
C LYS B 15 -24.92 -9.69 0.54
N MET B 16 -24.23 -9.31 1.64
CA MET B 16 -24.69 -8.29 2.60
C MET B 16 -24.61 -6.89 2.00
N ILE B 17 -23.46 -6.57 1.38
CA ILE B 17 -23.16 -5.30 0.73
C ILE B 17 -24.12 -5.04 -0.46
N PHE B 18 -24.37 -6.05 -1.29
CA PHE B 18 -25.25 -5.90 -2.45
C PHE B 18 -26.65 -6.52 -2.25
N ASP B 19 -27.23 -6.34 -1.04
CA ASP B 19 -28.58 -6.85 -0.76
C ASP B 19 -29.61 -5.82 -1.19
N VAL B 20 -30.29 -6.10 -2.31
CA VAL B 20 -31.32 -5.27 -2.92
C VAL B 20 -32.48 -5.02 -1.95
N GLU B 21 -32.88 -6.05 -1.17
CA GLU B 21 -33.96 -5.95 -0.18
C GLU B 21 -33.62 -5.00 0.97
N SER B 22 -32.33 -4.95 1.38
CA SER B 22 -31.86 -4.04 2.42
C SER B 22 -31.77 -2.61 1.92
N MET B 23 -31.61 -2.42 0.58
CA MET B 23 -31.58 -1.10 -0.08
C MET B 23 -33.01 -0.55 -0.09
N LYS B 24 -33.98 -1.43 -0.42
CA LYS B 24 -35.41 -1.13 -0.46
C LYS B 24 -35.93 -0.82 0.95
N LYS B 25 -35.56 -1.66 1.95
CA LYS B 25 -35.92 -1.52 3.37
C LYS B 25 -35.51 -0.14 3.91
N ALA B 26 -34.30 0.33 3.55
CA ALA B 26 -33.72 1.63 3.95
C ALA B 26 -34.50 2.82 3.37
N MET B 27 -35.01 2.67 2.12
CA MET B 27 -35.78 3.70 1.41
C MET B 27 -37.15 3.89 2.03
N VAL B 28 -37.82 2.78 2.41
CA VAL B 28 -39.14 2.76 3.06
C VAL B 28 -39.04 3.43 4.44
N GLU B 29 -37.89 3.24 5.12
CA GLU B 29 -37.58 3.86 6.42
C GLU B 29 -37.48 5.37 6.24
N TYR B 30 -36.89 5.83 5.12
CA TYR B 30 -36.75 7.25 4.77
C TYR B 30 -38.02 7.84 4.13
N GLU B 31 -39.10 7.03 4.12
CA GLU B 31 -40.45 7.33 3.63
C GLU B 31 -40.51 7.69 2.13
N ILE B 32 -39.72 6.97 1.29
CA ILE B 32 -39.74 7.16 -0.16
C ILE B 32 -40.74 6.17 -0.75
N ASP B 33 -41.66 6.66 -1.60
CA ASP B 33 -42.68 5.84 -2.25
C ASP B 33 -41.99 4.97 -3.33
N LEU B 34 -41.90 3.65 -3.07
CA LEU B 34 -41.26 2.69 -3.99
C LEU B 34 -42.06 2.44 -5.28
N GLN B 35 -43.40 2.63 -5.23
CA GLN B 35 -44.26 2.47 -6.41
C GLN B 35 -43.97 3.59 -7.41
N LYS B 36 -43.78 4.84 -6.91
CA LYS B 36 -43.48 6.03 -7.70
C LYS B 36 -41.98 6.15 -7.99
N MET B 37 -41.13 5.70 -7.05
CA MET B 37 -39.67 5.77 -7.15
C MET B 37 -39.04 4.37 -6.90
N PRO B 38 -38.97 3.51 -7.94
CA PRO B 38 -38.33 2.20 -7.74
C PRO B 38 -36.80 2.30 -7.74
N LEU B 39 -36.12 1.23 -7.29
CA LEU B 39 -34.67 1.11 -7.17
C LEU B 39 -33.94 1.33 -8.51
N GLY B 40 -34.53 0.82 -9.60
CA GLY B 40 -33.98 0.96 -10.94
C GLY B 40 -34.08 2.35 -11.53
N LYS B 41 -35.19 3.06 -11.26
CA LYS B 41 -35.45 4.40 -11.80
C LYS B 41 -34.65 5.54 -11.15
N LEU B 42 -34.07 5.36 -9.93
CA LEU B 42 -33.28 6.45 -9.32
C LEU B 42 -31.93 6.63 -10.01
N SER B 43 -31.64 7.88 -10.36
CA SER B 43 -30.42 8.31 -11.06
C SER B 43 -29.55 9.19 -10.15
N LYS B 44 -28.23 9.24 -10.42
CA LYS B 44 -27.29 10.10 -9.70
C LYS B 44 -27.59 11.55 -10.08
N ARG B 45 -28.07 11.75 -11.33
CA ARG B 45 -28.46 13.01 -11.94
C ARG B 45 -29.61 13.67 -11.19
N GLN B 46 -30.65 12.91 -10.81
CA GLN B 46 -31.82 13.47 -10.13
C GLN B 46 -31.59 13.72 -8.62
N ILE B 47 -30.74 12.91 -7.95
CA ILE B 47 -30.44 13.10 -6.52
C ILE B 47 -29.62 14.39 -6.37
N GLN B 48 -28.63 14.60 -7.28
CA GLN B 48 -27.79 15.80 -7.30
C GLN B 48 -28.60 17.04 -7.67
N ALA B 49 -29.68 16.86 -8.46
CA ALA B 49 -30.61 17.91 -8.86
C ALA B 49 -31.53 18.29 -7.70
N ALA B 50 -31.81 17.32 -6.79
CA ALA B 50 -32.65 17.52 -5.61
C ALA B 50 -31.86 18.28 -4.55
N TYR B 51 -30.54 18.03 -4.49
CA TYR B 51 -29.58 18.68 -3.60
C TYR B 51 -29.47 20.15 -3.96
N SER B 52 -29.46 20.48 -5.27
CA SER B 52 -29.37 21.85 -5.78
C SER B 52 -30.63 22.65 -5.43
N ILE B 53 -31.77 21.96 -5.27
CA ILE B 53 -33.05 22.55 -4.86
C ILE B 53 -32.97 22.86 -3.35
N LEU B 54 -32.30 21.98 -2.56
CA LEU B 54 -32.11 22.21 -1.12
C LEU B 54 -31.22 23.43 -0.87
N SER B 55 -30.20 23.63 -1.73
CA SER B 55 -29.30 24.80 -1.66
C SER B 55 -30.00 26.08 -2.19
N GLU B 56 -31.17 25.91 -2.87
CA GLU B 56 -32.03 27.01 -3.33
C GLU B 56 -32.98 27.34 -2.19
N VAL B 57 -33.36 26.32 -1.38
CA VAL B 57 -34.21 26.45 -0.19
C VAL B 57 -33.38 27.15 0.89
N GLN B 58 -32.09 26.75 1.05
CA GLN B 58 -31.14 27.32 2.00
C GLN B 58 -31.04 28.84 1.84
N GLN B 59 -30.84 29.30 0.59
CA GLN B 59 -30.74 30.73 0.32
C GLN B 59 -32.09 31.44 0.38
N ALA B 60 -33.19 30.75 0.03
CA ALA B 60 -34.55 31.31 0.09
C ALA B 60 -34.93 31.73 1.51
N VAL B 61 -34.57 30.92 2.52
CA VAL B 61 -34.79 31.16 3.95
C VAL B 61 -33.95 32.38 4.39
N SER B 62 -32.65 32.38 4.01
CA SER B 62 -31.68 33.44 4.30
C SER B 62 -32.11 34.79 3.69
N GLN B 63 -32.65 34.74 2.46
CA GLN B 63 -33.13 35.90 1.70
C GLN B 63 -34.58 36.26 2.05
N GLY B 64 -35.18 35.50 2.97
CA GLY B 64 -36.55 35.68 3.45
C GLY B 64 -37.58 35.72 2.33
N SER B 65 -37.50 34.73 1.40
CA SER B 65 -38.38 34.60 0.25
C SER B 65 -39.84 34.31 0.65
N SER B 66 -40.79 34.61 -0.27
CA SER B 66 -42.23 34.41 -0.07
C SER B 66 -42.62 32.93 0.17
N ASP B 67 -43.85 32.72 0.67
CA ASP B 67 -44.45 31.41 0.96
C ASP B 67 -44.60 30.61 -0.34
N SER B 68 -45.02 31.30 -1.42
CA SER B 68 -45.22 30.78 -2.78
C SER B 68 -43.89 30.31 -3.40
N GLN B 69 -42.79 31.03 -3.11
CA GLN B 69 -41.43 30.71 -3.57
C GLN B 69 -40.95 29.42 -2.91
N ILE B 70 -41.26 29.24 -1.60
CA ILE B 70 -40.91 28.06 -0.80
C ILE B 70 -41.77 26.86 -1.25
N LEU B 71 -43.10 27.06 -1.40
CA LEU B 71 -44.06 26.04 -1.83
C LEU B 71 -43.66 25.44 -3.19
N ASP B 72 -43.17 26.28 -4.12
CA ASP B 72 -42.70 25.87 -5.44
C ASP B 72 -41.49 24.92 -5.32
N LEU B 73 -40.53 25.27 -4.46
CA LEU B 73 -39.32 24.48 -4.19
C LEU B 73 -39.62 23.13 -3.54
N SER B 74 -40.62 23.11 -2.63
CA SER B 74 -41.09 21.90 -1.95
C SER B 74 -41.73 20.95 -2.99
N ASN B 75 -42.57 21.50 -3.88
CA ASN B 75 -43.22 20.77 -4.97
C ASN B 75 -42.18 20.22 -5.92
N ARG B 76 -41.17 21.04 -6.28
CA ARG B 76 -40.07 20.65 -7.16
C ARG B 76 -39.25 19.51 -6.55
N PHE B 77 -39.03 19.54 -5.22
CA PHE B 77 -38.29 18.50 -4.49
C PHE B 77 -39.06 17.17 -4.45
N TYR B 78 -40.34 17.22 -4.02
CA TYR B 78 -41.23 16.06 -3.89
C TYR B 78 -41.64 15.45 -5.23
N THR B 79 -41.30 16.12 -6.35
CA THR B 79 -41.51 15.63 -7.71
C THR B 79 -40.32 14.72 -8.03
N LEU B 80 -39.10 15.21 -7.75
CA LEU B 80 -37.83 14.51 -7.97
C LEU B 80 -37.68 13.31 -7.03
N ILE B 81 -38.01 13.49 -5.73
CA ILE B 81 -37.95 12.45 -4.72
C ILE B 81 -39.36 12.22 -4.16
N PRO B 82 -40.18 11.32 -4.78
CA PRO B 82 -41.53 11.06 -4.26
C PRO B 82 -41.50 10.44 -2.85
N HIS B 83 -42.41 10.89 -1.99
CA HIS B 83 -42.50 10.40 -0.62
C HIS B 83 -43.89 9.85 -0.28
N ASP B 84 -43.94 8.76 0.51
CA ASP B 84 -45.18 8.16 0.97
C ASP B 84 -45.33 8.42 2.47
N PHE B 85 -46.28 9.29 2.82
CA PHE B 85 -46.57 9.65 4.21
C PHE B 85 -47.91 9.09 4.67
N GLY B 86 -48.66 8.53 3.72
CA GLY B 86 -49.98 7.96 3.98
C GLY B 86 -50.96 9.06 4.27
N MET B 87 -51.54 9.06 5.48
CA MET B 87 -52.50 10.05 5.97
C MET B 87 -51.83 11.39 6.31
N LYS B 88 -50.53 11.35 6.67
CA LYS B 88 -49.74 12.50 7.07
C LYS B 88 -49.51 13.53 5.96
N LYS B 89 -49.61 14.83 6.30
CA LYS B 89 -49.38 15.94 5.38
C LYS B 89 -47.87 16.08 5.14
N PRO B 90 -47.40 16.32 3.89
CA PRO B 90 -45.95 16.42 3.65
C PRO B 90 -45.30 17.63 4.32
N PRO B 91 -44.16 17.45 5.03
CA PRO B 91 -43.51 18.59 5.67
C PRO B 91 -42.99 19.60 4.65
N LEU B 92 -43.32 20.89 4.85
CA LEU B 92 -42.89 21.97 3.97
C LEU B 92 -41.42 22.29 4.28
N LEU B 93 -40.60 22.38 3.22
CA LEU B 93 -39.17 22.65 3.36
C LEU B 93 -38.95 24.16 3.58
N ASN B 94 -39.06 24.61 4.85
CA ASN B 94 -38.91 26.02 5.25
C ASN B 94 -37.91 26.20 6.38
N ASN B 95 -37.94 25.30 7.36
CA ASN B 95 -37.05 25.38 8.52
C ASN B 95 -35.73 24.66 8.25
N ALA B 96 -34.62 25.13 8.90
CA ALA B 96 -33.26 24.58 8.72
C ALA B 96 -33.14 23.09 9.04
N ASP B 97 -33.98 22.57 9.96
CA ASP B 97 -34.02 21.16 10.33
C ASP B 97 -34.60 20.29 9.22
N SER B 98 -35.57 20.86 8.44
CA SER B 98 -36.22 20.19 7.31
C SER B 98 -35.18 19.98 6.21
N VAL B 99 -34.35 21.00 5.94
CA VAL B 99 -33.25 20.96 4.96
C VAL B 99 -32.22 19.92 5.44
N GLN B 100 -31.91 19.92 6.76
CA GLN B 100 -30.98 19.00 7.44
C GLN B 100 -31.44 17.54 7.29
N ALA B 101 -32.72 17.27 7.61
CA ALA B 101 -33.32 15.93 7.52
C ALA B 101 -33.31 15.38 6.10
N LYS B 102 -33.64 16.22 5.10
CA LYS B 102 -33.65 15.83 3.69
C LYS B 102 -32.27 15.68 3.10
N ALA B 103 -31.27 16.45 3.59
CA ALA B 103 -29.90 16.35 3.10
C ALA B 103 -29.27 15.05 3.59
N GLU B 104 -29.61 14.63 4.82
CA GLU B 104 -29.13 13.39 5.45
C GLU B 104 -29.67 12.17 4.72
N MET B 105 -30.92 12.25 4.22
CA MET B 105 -31.55 11.15 3.49
C MET B 105 -31.10 11.11 2.02
N LEU B 106 -30.87 12.28 1.39
CA LEU B 106 -30.40 12.39 0.00
C LEU B 106 -28.99 11.84 -0.12
N ASP B 107 -28.18 12.08 0.93
CA ASP B 107 -26.79 11.61 1.03
C ASP B 107 -26.77 10.09 1.11
N ASN B 108 -27.70 9.50 1.90
CA ASN B 108 -27.87 8.06 2.06
C ASN B 108 -28.43 7.41 0.79
N LEU B 109 -29.28 8.16 0.05
CA LEU B 109 -29.92 7.74 -1.19
C LEU B 109 -28.92 7.69 -2.34
N LEU B 110 -27.89 8.55 -2.30
CA LEU B 110 -26.82 8.58 -3.30
C LEU B 110 -25.93 7.34 -3.14
N ASP B 111 -25.78 6.86 -1.87
CA ASP B 111 -25.02 5.67 -1.50
C ASP B 111 -25.72 4.39 -1.99
N ILE B 112 -27.07 4.40 -1.96
CA ILE B 112 -27.90 3.29 -2.44
C ILE B 112 -27.80 3.23 -3.97
N GLU B 113 -27.76 4.41 -4.63
CA GLU B 113 -27.59 4.54 -6.08
C GLU B 113 -26.24 3.96 -6.50
N VAL B 114 -25.15 4.32 -5.78
CA VAL B 114 -23.79 3.83 -6.04
C VAL B 114 -23.72 2.31 -5.91
N ALA B 115 -24.45 1.76 -4.91
CA ALA B 115 -24.53 0.31 -4.66
C ALA B 115 -25.25 -0.41 -5.81
N TYR B 116 -26.41 0.12 -6.25
CA TYR B 116 -27.22 -0.45 -7.31
C TYR B 116 -26.61 -0.29 -8.70
N SER B 117 -25.93 0.85 -8.97
CA SER B 117 -25.26 1.15 -10.24
C SER B 117 -24.11 0.18 -10.47
N LEU B 118 -23.43 -0.22 -9.38
CA LEU B 118 -22.32 -1.17 -9.40
C LEU B 118 -22.86 -2.58 -9.63
N LEU B 119 -23.84 -3.01 -8.81
CA LEU B 119 -24.48 -4.33 -8.88
C LEU B 119 -25.09 -4.65 -10.26
N ARG B 120 -25.71 -3.66 -10.91
CA ARG B 120 -26.32 -3.84 -12.22
C ARG B 120 -25.35 -3.60 -13.38
N GLY B 121 -24.57 -2.53 -13.30
CA GLY B 121 -23.60 -2.15 -14.32
C GLY B 121 -22.41 -3.07 -14.47
N GLY B 122 -21.52 -2.72 -15.39
CA GLY B 122 -20.31 -3.47 -15.70
C GLY B 122 -20.41 -4.36 -16.92
N SER B 123 -19.25 -4.88 -17.37
CA SER B 123 -19.10 -5.76 -18.52
C SER B 123 -19.66 -7.16 -18.20
N ASP B 124 -20.63 -7.62 -19.01
CA ASP B 124 -21.31 -8.92 -18.84
C ASP B 124 -20.52 -10.07 -19.46
N ASP B 125 -19.87 -10.90 -18.61
CA ASP B 125 -19.09 -12.07 -19.03
C ASP B 125 -19.70 -13.35 -18.47
N SER B 126 -19.96 -14.31 -19.37
CA SER B 126 -20.58 -15.61 -19.06
C SER B 126 -19.71 -16.52 -18.15
N SER B 127 -18.38 -16.57 -18.40
CA SER B 127 -17.41 -17.41 -17.69
C SER B 127 -17.30 -17.18 -16.19
N LYS B 128 -17.22 -15.90 -15.75
CA LYS B 128 -17.02 -15.56 -14.34
C LYS B 128 -18.31 -15.61 -13.50
N ASP B 129 -18.15 -16.01 -12.21
CA ASP B 129 -19.18 -16.16 -11.18
C ASP B 129 -19.72 -14.78 -10.75
N PRO B 130 -21.06 -14.60 -10.56
CA PRO B 130 -21.59 -13.29 -10.14
C PRO B 130 -20.96 -12.68 -8.88
N ILE B 131 -20.71 -13.51 -7.84
CA ILE B 131 -20.10 -13.08 -6.57
C ILE B 131 -18.67 -12.61 -6.82
N ASP B 132 -17.92 -13.35 -7.67
CA ASP B 132 -16.54 -13.05 -8.07
C ASP B 132 -16.46 -11.73 -8.85
N VAL B 133 -17.48 -11.43 -9.68
CA VAL B 133 -17.57 -10.20 -10.48
C VAL B 133 -17.87 -9.00 -9.57
N ASN B 134 -18.82 -9.18 -8.62
CA ASN B 134 -19.20 -8.14 -7.67
C ASN B 134 -18.06 -7.79 -6.70
N TYR B 135 -17.24 -8.81 -6.31
CA TYR B 135 -16.08 -8.65 -5.45
C TYR B 135 -15.04 -7.74 -6.12
N GLU B 136 -14.85 -7.91 -7.45
CA GLU B 136 -13.92 -7.14 -8.28
C GLU B 136 -14.32 -5.66 -8.30
N LYS B 137 -15.63 -5.37 -8.44
CA LYS B 137 -16.24 -4.03 -8.52
C LYS B 137 -15.87 -3.12 -7.34
N LEU B 138 -15.59 -3.71 -6.16
CA LEU B 138 -15.24 -2.98 -4.94
C LEU B 138 -13.81 -2.43 -4.94
N LYS B 139 -12.90 -3.01 -5.77
CA LYS B 139 -11.47 -2.65 -5.89
C LYS B 139 -10.72 -2.78 -4.53
N THR B 140 -11.24 -3.65 -3.65
CA THR B 140 -10.72 -3.91 -2.30
C THR B 140 -10.33 -5.37 -2.17
N ASP B 141 -9.21 -5.62 -1.47
CA ASP B 141 -8.75 -6.97 -1.19
C ASP B 141 -9.31 -7.34 0.17
N ILE B 142 -10.19 -8.35 0.21
CA ILE B 142 -10.81 -8.81 1.44
C ILE B 142 -10.30 -10.20 1.79
N LYS B 143 -9.70 -10.33 2.99
CA LYS B 143 -9.13 -11.57 3.50
C LYS B 143 -9.69 -11.90 4.87
N VAL B 144 -9.95 -13.19 5.14
CA VAL B 144 -10.49 -13.65 6.42
C VAL B 144 -9.38 -13.75 7.45
N VAL B 145 -9.55 -13.05 8.59
CA VAL B 145 -8.60 -13.07 9.70
C VAL B 145 -8.90 -14.32 10.52
N ASP B 146 -7.87 -15.18 10.70
CA ASP B 146 -7.91 -16.44 11.46
C ASP B 146 -8.48 -16.22 12.85
N ARG B 147 -9.51 -17.02 13.21
CA ARG B 147 -10.24 -16.95 14.49
C ARG B 147 -9.36 -16.99 15.73
N ASP B 148 -8.27 -17.78 15.72
CA ASP B 148 -7.41 -17.93 16.87
C ASP B 148 -6.02 -17.29 16.68
N SER B 149 -5.94 -16.25 15.82
CA SER B 149 -4.72 -15.49 15.56
C SER B 149 -4.60 -14.37 16.61
N GLU B 150 -3.39 -13.80 16.79
CA GLU B 150 -3.16 -12.73 17.76
C GLU B 150 -3.88 -11.45 17.36
N GLU B 151 -3.92 -11.10 16.05
CA GLU B 151 -4.63 -9.90 15.61
C GLU B 151 -6.14 -10.02 15.81
N ALA B 152 -6.69 -11.26 15.75
CA ALA B 152 -8.11 -11.53 16.00
C ALA B 152 -8.41 -11.29 17.49
N GLU B 153 -7.53 -11.80 18.37
CA GLU B 153 -7.65 -11.65 19.82
C GLU B 153 -7.58 -10.19 20.27
N ILE B 154 -6.69 -9.39 19.64
CA ILE B 154 -6.52 -7.95 19.92
C ILE B 154 -7.85 -7.24 19.59
N ILE B 155 -8.41 -7.56 18.41
CA ILE B 155 -9.67 -7.02 17.91
C ILE B 155 -10.84 -7.40 18.83
N ARG B 156 -10.91 -8.67 19.26
CA ARG B 156 -11.95 -9.17 20.15
C ARG B 156 -11.87 -8.53 21.54
N LYS B 157 -10.63 -8.29 22.04
CA LYS B 157 -10.40 -7.63 23.33
C LYS B 157 -10.82 -6.16 23.22
N TYR B 158 -10.51 -5.50 22.08
CA TYR B 158 -10.88 -4.12 21.79
C TYR B 158 -12.41 -3.99 21.79
N VAL B 159 -13.15 -5.01 21.24
CA VAL B 159 -14.62 -5.03 21.23
C VAL B 159 -15.16 -5.26 22.66
N LYS B 160 -14.64 -6.29 23.36
CA LYS B 160 -15.08 -6.65 24.71
C LYS B 160 -14.90 -5.53 25.74
N ASN B 161 -13.69 -4.95 25.81
CA ASN B 161 -13.32 -3.92 26.78
C ASN B 161 -13.94 -2.55 26.55
N THR B 162 -14.06 -2.09 25.29
CA THR B 162 -14.57 -0.75 25.00
C THR B 162 -16.11 -0.70 24.74
N HIS B 163 -16.85 -1.73 25.19
CA HIS B 163 -18.31 -1.74 25.08
C HIS B 163 -18.89 -1.15 26.38
N ALA B 164 -19.28 0.14 26.32
CA ALA B 164 -19.80 0.96 27.41
C ALA B 164 -21.03 0.41 28.16
N THR B 165 -21.23 0.88 29.41
CA THR B 165 -22.33 0.48 30.30
C THR B 165 -23.62 1.28 29.99
N THR B 166 -23.49 2.52 29.46
CA THR B 166 -24.66 3.34 29.09
C THR B 166 -25.38 2.78 27.85
N HIS B 167 -24.64 2.04 27.00
CA HIS B 167 -25.16 1.38 25.81
C HIS B 167 -25.50 -0.08 26.17
N ASN B 168 -26.39 -0.25 27.18
CA ASN B 168 -26.85 -1.54 27.69
C ASN B 168 -28.11 -2.05 26.97
N ALA B 169 -28.40 -1.50 25.78
CA ALA B 169 -29.55 -1.87 24.94
C ALA B 169 -29.29 -3.20 24.23
N TYR B 170 -28.04 -3.44 23.81
CA TYR B 170 -27.60 -4.62 23.07
C TYR B 170 -26.31 -5.25 23.64
N ASP B 171 -25.89 -6.37 23.03
CA ASP B 171 -24.68 -7.11 23.35
C ASP B 171 -23.97 -7.45 22.04
N LEU B 172 -22.71 -7.01 21.92
CA LEU B 172 -21.94 -7.24 20.70
C LEU B 172 -21.24 -8.60 20.69
N GLU B 173 -21.29 -9.27 19.53
CA GLU B 173 -20.71 -10.58 19.28
C GLU B 173 -20.05 -10.53 17.90
N VAL B 174 -18.77 -10.92 17.82
CA VAL B 174 -18.00 -10.92 16.56
C VAL B 174 -18.21 -12.24 15.83
N ILE B 175 -18.67 -12.16 14.56
CA ILE B 175 -18.90 -13.32 13.69
C ILE B 175 -17.64 -13.56 12.84
N ASP B 176 -17.21 -12.53 12.09
CA ASP B 176 -16.04 -12.59 11.21
C ASP B 176 -15.25 -11.28 11.23
N ILE B 177 -13.92 -11.38 11.03
CA ILE B 177 -12.99 -10.27 10.96
C ILE B 177 -12.36 -10.33 9.57
N PHE B 178 -12.39 -9.21 8.83
CA PHE B 178 -11.85 -9.15 7.49
C PHE B 178 -10.75 -8.11 7.38
N LYS B 179 -9.56 -8.50 6.90
CA LYS B 179 -8.44 -7.59 6.70
C LYS B 179 -8.59 -6.98 5.30
N ILE B 180 -9.12 -5.77 5.25
CA ILE B 180 -9.41 -5.06 4.00
C ILE B 180 -8.24 -4.20 3.53
N GLU B 181 -8.07 -4.11 2.20
CA GLU B 181 -7.03 -3.35 1.53
C GLU B 181 -7.61 -2.64 0.30
N ARG B 182 -8.02 -1.36 0.47
CA ARG B 182 -8.58 -0.51 -0.59
C ARG B 182 -7.47 -0.14 -1.57
N GLU B 183 -7.74 -0.26 -2.89
CA GLU B 183 -6.77 0.07 -3.93
C GLU B 183 -6.29 1.51 -3.86
N GLY B 184 -4.97 1.68 -3.73
CA GLY B 184 -4.31 2.97 -3.67
C GLY B 184 -4.40 3.74 -2.36
N GLU B 185 -5.19 3.25 -1.39
CA GLU B 185 -5.37 3.90 -0.08
C GLU B 185 -4.06 4.03 0.68
N CYS B 186 -3.19 3.01 0.57
CA CYS B 186 -1.88 2.98 1.23
C CYS B 186 -0.92 4.03 0.68
N GLN B 187 -0.81 4.11 -0.65
CA GLN B 187 0.08 5.08 -1.34
C GLN B 187 -0.37 6.51 -1.07
N ARG B 188 -1.68 6.71 -0.89
CA ARG B 188 -2.33 7.98 -0.60
C ARG B 188 -2.09 8.39 0.87
N TYR B 189 -2.12 7.41 1.79
CA TYR B 189 -1.91 7.61 3.22
C TYR B 189 -0.44 7.90 3.56
N LYS B 190 0.51 7.32 2.78
CA LYS B 190 1.98 7.41 2.92
C LYS B 190 2.54 8.75 3.48
N PRO B 191 2.18 9.99 3.02
CA PRO B 191 2.77 11.20 3.64
C PRO B 191 2.36 11.45 5.10
N PHE B 192 1.30 10.78 5.56
CA PHE B 192 0.74 10.93 6.89
C PHE B 192 1.09 9.75 7.81
N LYS B 193 1.75 8.73 7.27
CA LYS B 193 2.10 7.50 7.98
C LYS B 193 3.10 7.69 9.15
N GLN B 194 4.37 8.10 8.90
CA GLN B 194 5.34 8.29 9.99
C GLN B 194 5.02 9.50 10.90
N LEU B 195 4.06 10.39 10.49
CA LEU B 195 3.57 11.51 11.30
C LEU B 195 3.01 10.91 12.61
N HIS B 196 3.57 11.36 13.76
CA HIS B 196 3.25 10.89 15.12
C HIS B 196 1.76 10.82 15.45
N ASN B 197 1.41 10.03 16.50
CA ASN B 197 0.06 9.78 17.00
C ASN B 197 -0.87 9.19 15.93
N ARG B 198 -0.73 7.88 15.70
CA ARG B 198 -1.54 7.09 14.78
C ARG B 198 -2.37 6.18 15.66
N ARG B 199 -3.67 6.09 15.41
CA ARG B 199 -4.54 5.26 16.24
C ARG B 199 -5.49 4.38 15.48
N LEU B 200 -5.76 3.18 16.01
CA LEU B 200 -6.70 2.22 15.45
C LEU B 200 -8.06 2.55 16.05
N LEU B 201 -8.93 3.20 15.25
CA LEU B 201 -10.23 3.68 15.68
C LEU B 201 -11.40 3.08 14.94
N TRP B 202 -12.57 3.10 15.59
CA TRP B 202 -13.84 2.57 15.10
C TRP B 202 -14.63 3.50 14.19
N HIS B 203 -15.38 2.92 13.25
CA HIS B 203 -16.31 3.63 12.37
C HIS B 203 -17.49 2.75 11.97
N GLY B 204 -18.64 3.05 12.56
CA GLY B 204 -19.91 2.37 12.30
C GLY B 204 -20.73 3.11 11.26
N SER B 205 -21.38 2.34 10.38
CA SER B 205 -22.22 2.87 9.31
C SER B 205 -23.25 1.85 8.87
N ARG B 206 -24.29 2.33 8.15
CA ARG B 206 -25.35 1.49 7.59
C ARG B 206 -24.74 0.54 6.55
N THR B 207 -25.23 -0.72 6.51
CA THR B 207 -24.80 -1.77 5.58
C THR B 207 -24.80 -1.27 4.11
N THR B 208 -25.81 -0.46 3.75
CA THR B 208 -26.01 0.13 2.42
C THR B 208 -24.88 1.07 1.98
N ASN B 209 -24.22 1.74 2.95
CA ASN B 209 -23.11 2.66 2.69
C ASN B 209 -21.81 1.93 2.38
N PHE B 210 -21.65 0.69 2.88
CA PHE B 210 -20.43 -0.10 2.75
C PHE B 210 -19.97 -0.38 1.34
N ALA B 211 -20.89 -0.47 0.35
CA ALA B 211 -20.53 -0.65 -1.06
C ALA B 211 -19.72 0.57 -1.55
N GLY B 212 -20.15 1.77 -1.16
CA GLY B 212 -19.50 3.03 -1.48
C GLY B 212 -18.26 3.31 -0.66
N ILE B 213 -18.24 2.86 0.62
CA ILE B 213 -17.10 3.04 1.53
C ILE B 213 -15.91 2.21 1.01
N LEU B 214 -16.18 0.99 0.54
CA LEU B 214 -15.12 0.13 0.01
C LEU B 214 -14.65 0.56 -1.37
N SER B 215 -15.57 1.03 -2.23
CA SER B 215 -15.23 1.47 -3.59
C SER B 215 -14.66 2.88 -3.68
N GLN B 216 -14.94 3.76 -2.70
CA GLN B 216 -14.47 5.16 -2.72
C GLN B 216 -13.66 5.59 -1.50
N GLY B 217 -13.90 4.93 -0.36
CA GLY B 217 -13.27 5.25 0.91
C GLY B 217 -14.14 6.21 1.67
N LEU B 218 -13.89 6.39 2.98
CA LEU B 218 -14.65 7.33 3.80
C LEU B 218 -14.47 8.76 3.27
N ARG B 219 -15.57 9.37 2.80
CA ARG B 219 -15.57 10.70 2.18
C ARG B 219 -15.96 11.82 3.14
N ILE B 220 -15.44 13.03 2.88
CA ILE B 220 -15.76 14.25 3.63
C ILE B 220 -16.93 14.91 2.89
N ALA B 221 -17.98 15.30 3.64
CA ALA B 221 -19.20 15.94 3.17
C ALA B 221 -18.98 17.09 2.15
N PRO B 222 -19.89 17.26 1.15
CA PRO B 222 -19.72 18.36 0.17
C PRO B 222 -19.85 19.75 0.80
N PRO B 223 -18.97 20.73 0.45
CA PRO B 223 -19.07 22.08 1.05
C PRO B 223 -20.40 22.82 0.80
N GLU B 224 -21.26 22.26 -0.06
CA GLU B 224 -22.59 22.77 -0.42
C GLU B 224 -23.60 22.48 0.71
N ALA B 225 -23.54 21.26 1.29
CA ALA B 225 -24.40 20.73 2.36
C ALA B 225 -24.45 21.64 3.63
N PRO B 226 -25.55 21.62 4.44
CA PRO B 226 -25.59 22.48 5.64
C PRO B 226 -24.64 21.98 6.74
N VAL B 227 -23.89 22.91 7.35
CA VAL B 227 -22.90 22.63 8.39
C VAL B 227 -23.52 22.35 9.79
N THR B 228 -24.82 22.67 9.95
CA THR B 228 -25.59 22.53 11.20
C THR B 228 -25.59 21.12 11.81
N GLY B 229 -25.69 20.09 10.99
CA GLY B 229 -25.73 18.70 11.45
C GLY B 229 -24.41 18.13 11.92
N TYR B 230 -23.29 18.81 11.61
CA TYR B 230 -21.94 18.38 11.94
C TYR B 230 -21.41 18.99 13.24
N MET B 231 -21.45 18.19 14.33
CA MET B 231 -21.02 18.57 15.68
C MET B 231 -19.61 19.18 15.71
N PHE B 232 -18.69 18.62 14.90
CA PHE B 232 -17.32 19.08 14.78
C PHE B 232 -16.93 19.37 13.33
N GLY B 233 -17.88 19.89 12.55
CA GLY B 233 -17.67 20.26 11.14
C GLY B 233 -17.58 19.10 10.16
N LYS B 234 -17.39 19.44 8.88
CA LYS B 234 -17.29 18.48 7.78
C LYS B 234 -15.90 17.80 7.77
N GLY B 235 -15.86 16.61 8.36
CA GLY B 235 -14.69 15.74 8.49
C GLY B 235 -15.08 14.30 8.75
N ILE B 236 -14.10 13.40 8.88
CA ILE B 236 -14.36 11.96 9.12
C ILE B 236 -14.27 11.64 10.61
N TYR B 237 -15.40 11.21 11.19
CA TYR B 237 -15.55 10.93 12.63
C TYR B 237 -15.24 9.47 12.98
N PHE B 238 -14.60 9.27 14.16
CA PHE B 238 -14.22 7.96 14.70
C PHE B 238 -14.40 7.93 16.21
N ALA B 239 -14.34 6.74 16.82
CA ALA B 239 -14.46 6.56 18.27
C ALA B 239 -13.45 5.54 18.80
N ASP B 240 -13.11 5.64 20.10
CA ASP B 240 -12.21 4.69 20.75
C ASP B 240 -13.00 3.66 21.56
N MET B 241 -14.34 3.76 21.50
CA MET B 241 -15.30 2.88 22.16
C MET B 241 -16.15 2.26 21.05
N VAL B 242 -16.17 0.92 20.97
CA VAL B 242 -16.94 0.17 19.98
C VAL B 242 -18.43 0.47 20.04
N SER B 243 -18.98 0.59 21.28
CA SER B 243 -20.38 0.87 21.56
C SER B 243 -20.87 2.18 20.95
N LYS B 244 -20.02 3.24 20.97
CA LYS B 244 -20.35 4.54 20.37
C LYS B 244 -20.52 4.43 18.85
N SER B 245 -19.60 3.72 18.18
CA SER B 245 -19.61 3.49 16.73
C SER B 245 -20.70 2.53 16.30
N ALA B 246 -20.97 1.47 17.11
CA ALA B 246 -22.00 0.44 16.85
C ALA B 246 -23.42 1.00 16.77
N ASN B 247 -23.67 2.19 17.37
CA ASN B 247 -24.97 2.87 17.33
C ASN B 247 -25.26 3.41 15.92
N TYR B 248 -24.19 3.62 15.13
CA TYR B 248 -24.27 4.15 13.78
C TYR B 248 -24.50 3.09 12.71
N CYS B 249 -24.50 1.79 13.10
CA CYS B 249 -24.75 0.68 12.17
C CYS B 249 -26.24 0.61 11.77
N HIS B 250 -27.13 1.17 12.62
CA HIS B 250 -28.59 1.21 12.48
C HIS B 250 -29.15 -0.20 12.28
N THR B 251 -29.09 -0.99 13.37
CA THR B 251 -29.55 -2.37 13.45
C THR B 251 -30.79 -2.47 14.35
N SER B 252 -31.51 -3.60 14.24
CA SER B 252 -32.74 -3.87 15.00
C SER B 252 -32.88 -5.36 15.32
N GLN B 253 -33.97 -5.76 16.00
CA GLN B 253 -34.26 -7.16 16.33
C GLN B 253 -34.44 -7.98 15.04
N GLY B 254 -35.01 -7.34 14.02
CA GLY B 254 -35.24 -7.91 12.69
C GLY B 254 -33.96 -8.16 11.93
N ASP B 255 -33.07 -7.13 11.85
CA ASP B 255 -31.77 -7.19 11.18
C ASP B 255 -30.64 -7.00 12.24
N PRO B 256 -30.26 -8.07 12.98
CA PRO B 256 -29.24 -7.90 14.03
C PRO B 256 -27.79 -7.91 13.54
N ILE B 257 -27.57 -8.09 12.23
CA ILE B 257 -26.23 -8.13 11.66
C ILE B 257 -25.83 -6.76 11.10
N GLY B 258 -24.71 -6.25 11.59
CA GLY B 258 -24.15 -4.97 11.20
C GLY B 258 -22.67 -5.02 10.89
N LEU B 259 -22.20 -4.03 10.11
CA LEU B 259 -20.78 -3.92 9.73
C LEU B 259 -20.14 -2.68 10.34
N ILE B 260 -18.93 -2.87 10.90
CA ILE B 260 -18.12 -1.82 11.54
C ILE B 260 -16.68 -1.86 11.00
N LEU B 261 -16.00 -0.71 10.99
CA LEU B 261 -14.64 -0.58 10.49
C LEU B 261 -13.65 -0.27 11.59
N LEU B 262 -12.39 -0.62 11.32
CA LEU B 262 -11.21 -0.32 12.14
C LEU B 262 -10.23 0.30 11.18
N GLY B 263 -9.91 1.57 11.41
CA GLY B 263 -9.00 2.31 10.56
C GLY B 263 -7.83 2.92 11.28
N GLU B 264 -6.68 2.94 10.60
CA GLU B 264 -5.45 3.56 11.05
C GLU B 264 -5.66 5.05 10.76
N VAL B 265 -5.79 5.84 11.83
CA VAL B 265 -6.05 7.28 11.72
C VAL B 265 -4.83 8.09 12.20
N ALA B 266 -4.21 8.86 11.29
CA ALA B 266 -3.06 9.72 11.57
C ALA B 266 -3.58 11.02 12.19
N LEU B 267 -3.73 11.02 13.52
CA LEU B 267 -4.27 12.14 14.27
C LEU B 267 -3.30 13.33 14.38
N GLY B 268 -2.02 13.05 14.60
CA GLY B 268 -1.01 14.09 14.75
C GLY B 268 -1.23 14.90 16.01
N ASN B 269 -1.09 16.22 15.90
CA ASN B 269 -1.30 17.15 17.01
C ASN B 269 -2.80 17.48 17.05
N MET B 270 -3.52 16.83 17.97
CA MET B 270 -4.98 16.97 18.10
C MET B 270 -5.41 18.21 18.85
N TYR B 271 -6.52 18.81 18.38
CA TYR B 271 -7.13 19.99 18.99
C TYR B 271 -8.20 19.46 19.94
N GLU B 272 -7.92 19.52 21.25
CA GLU B 272 -8.83 19.00 22.27
C GLU B 272 -9.99 19.96 22.55
N LEU B 273 -11.22 19.52 22.22
CA LEU B 273 -12.43 20.30 22.39
C LEU B 273 -13.43 19.66 23.34
N LYS B 274 -14.01 20.47 24.24
CA LYS B 274 -15.00 20.04 25.22
C LYS B 274 -16.41 20.16 24.65
N HIS B 275 -16.70 21.25 23.92
CA HIS B 275 -18.01 21.49 23.31
C HIS B 275 -17.95 21.61 21.79
N ALA B 276 -19.10 21.43 21.13
CA ALA B 276 -19.27 21.46 19.68
C ALA B 276 -18.85 22.77 19.01
N SER B 277 -18.24 22.64 17.82
CA SER B 277 -17.82 23.73 16.94
C SER B 277 -18.07 23.22 15.52
N HIS B 278 -19.00 23.86 14.81
CA HIS B 278 -19.40 23.44 13.47
C HIS B 278 -18.41 23.83 12.37
N ILE B 279 -17.31 24.50 12.74
CA ILE B 279 -16.24 24.90 11.83
C ILE B 279 -15.36 23.68 11.49
N SER B 280 -14.86 23.63 10.24
CA SER B 280 -13.98 22.57 9.73
C SER B 280 -12.54 23.10 9.55
N LYS B 281 -12.22 24.27 10.17
CA LYS B 281 -10.93 24.93 10.09
C LYS B 281 -10.18 24.86 11.43
N LEU B 282 -8.98 24.24 11.40
CA LEU B 282 -8.13 24.00 12.55
C LEU B 282 -7.08 25.09 12.78
N PRO B 283 -6.66 25.34 14.05
CA PRO B 283 -5.58 26.31 14.30
C PRO B 283 -4.23 25.81 13.77
N LYS B 284 -3.22 26.70 13.66
CA LYS B 284 -1.89 26.39 13.15
C LYS B 284 -1.21 25.32 13.98
N GLY B 285 -0.78 24.25 13.31
CA GLY B 285 -0.10 23.13 13.96
C GLY B 285 -0.99 21.99 14.37
N LYS B 286 -2.31 22.16 14.24
CA LYS B 286 -3.28 21.12 14.60
C LYS B 286 -3.66 20.29 13.38
N HIS B 287 -3.74 18.95 13.55
CA HIS B 287 -4.05 18.02 12.46
C HIS B 287 -5.39 17.30 12.59
N SER B 288 -5.93 17.24 13.81
CA SER B 288 -7.21 16.59 14.07
C SER B 288 -7.94 17.23 15.25
N VAL B 289 -9.12 16.68 15.60
CA VAL B 289 -9.92 17.14 16.72
C VAL B 289 -10.21 15.95 17.64
N LYS B 290 -10.04 16.13 18.95
CA LYS B 290 -10.38 15.13 19.94
C LYS B 290 -11.48 15.70 20.81
N GLY B 291 -12.70 15.22 20.62
CA GLY B 291 -13.85 15.61 21.42
C GLY B 291 -13.72 14.91 22.75
N LEU B 292 -13.42 15.67 23.81
CA LEU B 292 -13.17 15.10 25.13
C LEU B 292 -14.43 14.57 25.80
N GLY B 293 -14.46 13.25 26.02
CA GLY B 293 -15.57 12.55 26.64
C GLY B 293 -15.31 12.27 28.10
N LYS B 294 -16.40 12.08 28.88
CA LYS B 294 -16.37 11.80 30.33
C LYS B 294 -15.73 10.44 30.67
N THR B 295 -15.76 9.47 29.71
CA THR B 295 -15.20 8.12 29.84
C THR B 295 -14.22 7.81 28.70
N THR B 296 -13.01 7.36 29.06
CA THR B 296 -11.93 7.00 28.14
C THR B 296 -11.38 5.58 28.44
N PRO B 297 -10.92 4.80 27.41
CA PRO B 297 -10.31 3.50 27.72
C PRO B 297 -9.01 3.75 28.49
N ASP B 298 -8.76 2.95 29.56
CA ASP B 298 -7.57 3.06 30.41
C ASP B 298 -6.28 3.18 29.58
N PRO B 299 -5.58 4.36 29.63
CA PRO B 299 -4.36 4.52 28.80
C PRO B 299 -3.21 3.60 29.19
N SER B 300 -3.24 3.04 30.42
CA SER B 300 -2.23 2.10 30.91
C SER B 300 -2.29 0.74 30.19
N ALA B 301 -3.40 0.46 29.47
CA ALA B 301 -3.62 -0.78 28.72
C ALA B 301 -3.44 -0.61 27.21
N ASN B 302 -2.97 0.57 26.76
CA ASN B 302 -2.70 0.91 25.36
C ASN B 302 -1.54 0.08 24.81
N ILE B 303 -1.77 -0.62 23.68
CA ILE B 303 -0.75 -1.45 23.03
C ILE B 303 -0.38 -0.85 21.65
N SER B 304 0.61 -1.45 20.95
CA SER B 304 1.07 -0.94 19.65
C SER B 304 1.10 -2.00 18.54
N LEU B 305 -0.08 -2.33 17.96
CA LEU B 305 -0.21 -3.29 16.86
C LEU B 305 0.31 -2.64 15.56
N ASP B 306 1.51 -3.08 15.11
CA ASP B 306 2.24 -2.63 13.92
C ASP B 306 2.51 -1.10 13.93
N GLY B 307 3.02 -0.60 15.05
CA GLY B 307 3.35 0.81 15.25
C GLY B 307 2.15 1.74 15.40
N VAL B 308 0.93 1.17 15.49
CA VAL B 308 -0.33 1.90 15.61
C VAL B 308 -0.92 1.63 17.01
N ASP B 309 -1.30 2.70 17.73
CA ASP B 309 -1.87 2.60 19.07
C ASP B 309 -3.25 1.98 19.08
N VAL B 310 -3.42 0.94 19.90
CA VAL B 310 -4.70 0.25 20.05
C VAL B 310 -5.23 0.54 21.47
N PRO B 311 -6.16 1.50 21.61
CA PRO B 311 -6.67 1.83 22.95
C PRO B 311 -7.74 0.83 23.41
N LEU B 312 -7.30 -0.39 23.76
CA LEU B 312 -8.19 -1.49 24.19
C LEU B 312 -8.37 -1.60 25.72
N GLY B 313 -8.16 -0.50 26.43
CA GLY B 313 -8.33 -0.45 27.88
C GLY B 313 -9.79 -0.42 28.28
N THR B 314 -10.07 -0.75 29.55
CA THR B 314 -11.43 -0.72 30.08
C THR B 314 -11.83 0.73 30.31
N GLY B 315 -13.09 1.04 30.03
CA GLY B 315 -13.65 2.39 30.17
C GLY B 315 -13.53 2.94 31.58
N ILE B 316 -12.76 4.02 31.74
CA ILE B 316 -12.53 4.70 33.02
C ILE B 316 -12.78 6.21 32.88
N SER B 317 -13.05 6.92 34.00
CA SER B 317 -13.31 8.36 33.98
C SER B 317 -12.08 9.14 33.55
N SER B 318 -12.25 10.01 32.53
CA SER B 318 -11.18 10.84 31.96
C SER B 318 -10.72 11.97 32.89
N GLY B 319 -11.63 12.42 33.74
CA GLY B 319 -11.39 13.53 34.66
C GLY B 319 -11.68 14.88 34.02
N VAL B 320 -12.37 14.87 32.86
CA VAL B 320 -12.74 16.07 32.11
C VAL B 320 -14.02 16.68 32.70
N ASN B 321 -13.92 17.91 33.23
CA ASN B 321 -15.01 18.64 33.86
C ASN B 321 -15.79 19.50 32.86
N ASP B 322 -17.14 19.48 32.98
CA ASP B 322 -18.11 20.22 32.15
C ASP B 322 -17.86 20.06 30.64
N THR B 323 -18.30 18.90 30.12
CA THR B 323 -18.21 18.54 28.70
C THR B 323 -19.56 17.99 28.23
N SER B 324 -19.89 18.21 26.94
CA SER B 324 -21.13 17.73 26.37
C SER B 324 -21.08 16.23 26.05
N LEU B 325 -19.90 15.73 25.62
CA LEU B 325 -19.66 14.33 25.24
C LEU B 325 -19.44 13.36 26.39
N LEU B 326 -20.05 12.17 26.28
CA LEU B 326 -19.92 11.08 27.24
C LEU B 326 -18.68 10.25 26.89
N TYR B 327 -18.40 10.10 25.57
CA TYR B 327 -17.27 9.35 25.04
C TYR B 327 -16.51 10.16 24.02
N ASN B 328 -15.21 9.86 23.86
CA ASN B 328 -14.34 10.56 22.92
C ASN B 328 -14.68 10.28 21.47
N GLU B 329 -14.54 11.32 20.64
CA GLU B 329 -14.70 11.21 19.20
C GLU B 329 -13.59 11.97 18.50
N TYR B 330 -12.98 11.32 17.51
CA TYR B 330 -11.82 11.82 16.77
C TYR B 330 -12.24 12.20 15.34
N ILE B 331 -11.86 13.42 14.90
CA ILE B 331 -12.25 13.94 13.59
C ILE B 331 -11.02 14.40 12.79
N VAL B 332 -10.91 13.91 11.54
CA VAL B 332 -9.85 14.29 10.59
C VAL B 332 -10.51 15.01 9.42
N TYR B 333 -9.88 16.09 8.92
CA TYR B 333 -10.47 16.89 7.85
C TYR B 333 -9.77 16.69 6.50
N ASP B 334 -9.08 15.56 6.35
CA ASP B 334 -8.39 15.15 5.13
C ASP B 334 -8.56 13.63 4.99
N ILE B 335 -9.09 13.20 3.82
CA ILE B 335 -9.33 11.78 3.48
C ILE B 335 -8.05 10.95 3.54
N ALA B 336 -6.89 11.58 3.23
CA ALA B 336 -5.57 10.96 3.22
C ALA B 336 -5.03 10.59 4.62
N GLN B 337 -5.68 11.07 5.70
CA GLN B 337 -5.31 10.78 7.10
C GLN B 337 -5.90 9.45 7.60
N VAL B 338 -6.68 8.76 6.73
CA VAL B 338 -7.35 7.49 7.04
C VAL B 338 -6.80 6.37 6.17
N ASN B 339 -6.64 5.19 6.78
CA ASN B 339 -6.25 3.95 6.13
C ASN B 339 -7.08 2.83 6.76
N LEU B 340 -8.11 2.35 6.04
CA LEU B 340 -9.01 1.29 6.49
C LEU B 340 -8.26 -0.04 6.53
N LYS B 341 -8.12 -0.61 7.74
CA LYS B 341 -7.39 -1.85 7.97
C LYS B 341 -8.27 -3.08 8.12
N TYR B 342 -9.39 -2.98 8.86
CA TYR B 342 -10.29 -4.11 9.11
C TYR B 342 -11.75 -3.80 8.88
N LEU B 343 -12.58 -4.87 8.82
CA LEU B 343 -14.04 -4.85 8.68
C LEU B 343 -14.62 -6.01 9.51
N LEU B 344 -15.51 -5.67 10.45
CA LEU B 344 -16.13 -6.64 11.36
C LEU B 344 -17.62 -6.87 11.08
N LYS B 345 -18.07 -8.12 11.21
CA LYS B 345 -19.45 -8.55 11.06
C LYS B 345 -19.92 -8.82 12.48
N LEU B 346 -20.82 -7.96 13.02
CA LEU B 346 -21.29 -8.08 14.39
C LEU B 346 -22.74 -8.49 14.54
N LYS B 347 -23.03 -9.32 15.55
CA LYS B 347 -24.39 -9.74 15.90
C LYS B 347 -24.78 -8.98 17.15
N PHE B 348 -25.86 -8.19 17.08
CA PHE B 348 -26.35 -7.40 18.19
C PHE B 348 -27.42 -8.22 18.90
N ASN B 349 -27.15 -8.58 20.16
CA ASN B 349 -28.06 -9.36 21.00
C ASN B 349 -28.87 -8.38 21.86
N PHE B 350 -29.97 -7.87 21.28
CA PHE B 350 -30.85 -6.89 21.92
C PHE B 350 -31.51 -7.43 23.17
N LYS B 351 -31.12 -6.86 24.31
CA LYS B 351 -31.58 -7.26 25.65
C LYS B 351 -33.03 -6.87 25.89
N THR B 352 -33.89 -7.88 26.08
CA THR B 352 -35.33 -7.75 26.33
C THR B 352 -35.82 -8.74 27.38
C01 UHB C . 24.91 1.54 -6.98
C02 UHB C . 26.02 1.65 -6.15
C03 UHB C . 26.60 0.52 -5.59
C04 UHB C . 26.06 -0.74 -5.85
C05 UHB C . 24.93 -0.85 -6.68
C06 UHB C . 24.36 0.28 -7.24
C07 UHB C . 23.21 -0.13 -8.05
C08 UHB C . 24.15 -2.06 -7.11
N09 UHB C . 23.13 -1.47 -7.96
O10 UHB C . 22.45 0.57 -8.71
N11 UHB C . 26.66 -1.90 -5.28
C12 UHB C . 26.12 -2.86 -4.49
O13 UHB C . 24.92 -2.93 -4.22
C14 UHB C . 27.13 -3.86 -3.94
N15 UHB C . 26.70 -5.26 -3.87
C16 UHB C . 26.22 -5.76 -5.17
C17 UHB C . 25.73 -7.20 -5.07
N18 UHB C . 24.68 -7.29 -4.07
C19 UHB C . 25.19 -6.90 -2.76
C20 UHB C . 25.67 -5.46 -2.81
C21 UHB C . 23.38 -7.67 -4.24
C22 UHB C . 22.88 -8.05 -5.65
C23 UHB C . 22.54 -6.84 -6.53
C24 UHB C . 21.04 -6.69 -6.30
C25 UHB C . 20.60 -8.15 -6.18
O26 UHB C . 21.68 -8.84 -5.58
O27 UHB C . 22.59 -7.71 -3.32
O28 UHB C . 22.90 -7.04 -7.89
O29 UHB C . 20.40 -6.04 -7.39
N30 UHB C . 19.39 -8.36 -5.37
C31 UHB C . 17.50 -9.14 -4.54
C32 UHB C . 18.45 -9.34 -5.54
C33 UHB C . 18.96 -7.62 -4.29
N34 UHB C . 17.84 -8.05 -3.76
N35 UHB C . 16.38 -11.02 -5.44
C36 UHB C . 17.36 -11.10 -6.34
N37 UHB C . 18.44 -10.31 -6.47
C38 UHB C . 16.42 -10.04 -4.51
N39 UHB C . 15.41 -9.97 -3.62
S SO4 D . 32.17 5.36 -8.52
O1 SO4 D . 33.44 5.65 -7.84
O2 SO4 D . 32.38 5.30 -9.97
O3 SO4 D . 31.66 4.05 -8.07
O4 SO4 D . 31.19 6.40 -8.20
S SO4 E . 22.05 16.47 0.52
O1 SO4 E . 22.34 17.60 -0.35
O2 SO4 E . 22.16 15.23 -0.25
O3 SO4 E . 20.68 16.62 1.04
O4 SO4 E . 22.99 16.45 1.64
C01 UHB F . -18.52 7.97 15.85
C02 UHB F . -18.70 9.24 16.37
C03 UHB F . -19.44 10.19 15.66
C04 UHB F . -19.99 9.87 14.42
C05 UHB F . -19.80 8.58 13.89
C06 UHB F . -19.06 7.65 14.61
C07 UHB F . -19.03 6.39 13.82
C08 UHB F . -20.27 7.98 12.60
N09 UHB F . -19.72 6.64 12.69
O10 UHB F . -18.49 5.34 14.11
N11 UHB F . -20.75 10.83 13.70
C12 UHB F . -20.61 11.27 12.42
O13 UHB F . -19.79 10.81 11.63
C14 UHB F . -21.56 12.40 12.06
N15 UHB F . -22.08 12.40 10.68
C16 UHB F . -22.61 11.07 10.31
C17 UHB F . -23.11 11.06 8.87
N18 UHB F . -22.01 11.44 7.96
C19 UHB F . -21.57 12.80 8.29
C20 UHB F . -21.05 12.85 9.72
C21 UHB F . -21.45 10.71 6.98
C22 UHB F . -21.94 9.28 6.67
C23 UHB F . -21.44 8.20 7.64
C24 UHB F . -20.36 7.49 6.82
C25 UHB F . -20.92 7.62 5.41
O26 UHB F . -21.56 8.87 5.35
O27 UHB F . -20.54 11.16 6.29
O28 UHB F . -22.50 7.33 8.06
O29 UHB F . -20.23 6.12 7.17
N30 UHB F . -19.92 7.54 4.35
C31 UHB F . -18.88 7.14 2.45
C32 UHB F . -20.09 6.96 3.11
C33 UHB F . -18.65 8.03 4.36
N34 UHB F . -17.98 7.82 3.25
N35 UHB F . -19.88 5.99 0.63
C36 UHB F . -20.97 5.90 1.39
N37 UHB F . -21.18 6.35 2.63
C38 UHB F . -18.79 6.62 1.14
N39 UHB F . -17.70 6.72 0.37
S SO4 G . -21.64 10.78 23.26
O1 SO4 G . -21.84 11.22 21.88
O2 SO4 G . -20.22 10.48 23.47
O3 SO4 G . -22.04 11.86 24.17
O4 SO4 G . -22.43 9.59 23.52
S SO4 H . -4.61 11.22 24.59
O1 SO4 H . -4.80 12.63 24.92
O2 SO4 H . -3.34 11.04 23.87
O3 SO4 H . -4.58 10.42 25.82
O4 SO4 H . -5.71 10.76 23.75
#